data_7QBE
#
_entry.id   7QBE
#
_cell.length_a   103.717
_cell.length_b   195.831
_cell.length_c   198.385
_cell.angle_alpha   90.000
_cell.angle_beta   90.000
_cell.angle_gamma   90.000
#
_symmetry.space_group_name_H-M   'C 2 2 21'
#
loop_
_entity.id
_entity.type
_entity.pdbx_description
1 polymer Transcobalamin-2
2 polymer 'CD320 antigen'
3 polymer 'Anti-transcobalamin-2 nanobody TC-Nb11'
4 non-polymer CYANOCOBALAMIN
5 non-polymer 'CALCIUM ION'
6 water water
#
loop_
_entity_poly.entity_id
_entity_poly.type
_entity_poly.pdbx_seq_one_letter_code
_entity_poly.pdbx_strand_id
1 'polypeptide(L)'
;EMCEIPEMDSHLVEKLGQHLLPWMDRLSLEHLNPSIYVGLRLSSLQAGTKEDLYLHSLKLGYQQCLLGSAFSEDDGDCQG
KPSMGQLALYLLALRANCEFVRGHKGDRLVSQLKWFLEDEKRAIGHDHKGHPHTSYYQYGLGILALCLHQKRVHDSVVDK
LLYAVEPFHQGHHSVDTAAMAGLAFTCLKRSNFNPGRRQRITMAIRTVQEEILKAQTPEGHFGNVYSTPLALQFLMTSPM
RGAELGTACLKARVALLASLQDGAFQNALMISQLLPVLNHKTYIDLIFPDCLAPRVMLEPAAETIPQTQEIISVTLQVLS
LLPPYRQSISVLAGSTVEDVLKKAHELGGFTYETQASLSGPYLTSVMGKAAGEREFWQLLRDPNTPLLQGIADYRPKDGE
TIELRLVSW
;
A,C
2 'polypeptide(L)'
;GSCPPTKFQCRTSGLCVPLTWRCDRDLDCSDGSDEEECRIEPCTQKGQCPPPPGLPCPCTGVSDCSGGTDKKLRNCSRLA
CLAGELRCTLSDDCIPLTWRCDGHPDCPDSSDELGCGTNEILPEGDATTMGPPVTLESVTSLRNATT
;
B,D
3 'polypeptide(L)'
;QLQLVESGGGLVQAGGSLRLSCTASGRTGTMGWFRQGPGKEREFVASHKWVAGSTYYADSVKGRFTISRDNAKNTLYLQM
NSLKSEDTAVYYCAASSQIFYGATTSIKDFNSWGKGTRVTVSSHHHHHHEPEA
;
E,F
#
loop_
_chem_comp.id
_chem_comp.type
_chem_comp.name
_chem_comp.formula
CA non-polymer 'CALCIUM ION' 'Ca 2'
CNC non-polymer CYANOCOBALAMIN 'C63 H89 Co N14 O14 P 2'
#
# COMPACT_ATOMS: atom_id res chain seq x y z
N GLU A 1 3.02 -11.08 16.60
CA GLU A 1 2.34 -9.92 16.02
C GLU A 1 0.93 -10.30 15.57
N MET A 2 0.07 -9.28 15.44
CA MET A 2 -1.32 -9.49 15.00
C MET A 2 -1.55 -9.02 13.57
N CYS A 3 -2.53 -9.61 12.90
CA CYS A 3 -2.90 -9.16 11.56
C CYS A 3 -3.96 -8.06 11.67
N GLU A 4 -3.51 -6.83 11.55
CA GLU A 4 -4.46 -5.69 11.60
C GLU A 4 -4.51 -5.06 10.24
N ILE A 5 -5.69 -5.00 9.63
CA ILE A 5 -5.87 -4.34 8.30
C ILE A 5 -6.74 -3.12 8.56
N PRO A 6 -6.16 -1.93 8.67
CA PRO A 6 -6.93 -0.75 9.01
C PRO A 6 -7.93 -0.15 8.05
N GLU A 7 -8.87 0.59 8.62
CA GLU A 7 -10.07 0.95 7.86
C GLU A 7 -9.78 1.70 6.58
N MET A 8 -10.47 1.30 5.54
CA MET A 8 -10.33 2.00 4.25
C MET A 8 -11.30 3.17 4.24
N ASP A 9 -11.06 4.12 3.35
CA ASP A 9 -11.89 5.35 3.31
C ASP A 9 -13.35 4.97 3.25
N SER A 10 -14.18 5.63 4.06
CA SER A 10 -15.58 5.28 4.13
C SER A 10 -16.24 5.38 2.75
N HIS A 11 -15.79 6.34 1.94
CA HIS A 11 -16.33 6.48 0.60
C HIS A 11 -16.03 5.21 -0.18
N LEU A 12 -14.78 4.79 -0.17
CA LEU A 12 -14.36 3.58 -0.85
C LEU A 12 -15.14 2.33 -0.40
N VAL A 13 -15.41 2.24 0.90
CA VAL A 13 -16.16 1.10 1.43
C VAL A 13 -17.62 1.17 0.94
N GLU A 14 -18.17 2.37 0.98
CA GLU A 14 -19.55 2.61 0.57
C GLU A 14 -19.80 2.16 -0.88
N LYS A 15 -18.85 2.46 -1.77
CA LYS A 15 -19.04 2.10 -3.19
C LYS A 15 -18.95 0.61 -3.41
N LEU A 16 -18.20 -0.10 -2.55
CA LEU A 16 -18.22 -1.56 -2.57
C LEU A 16 -19.61 -2.07 -2.20
N GLY A 17 -20.17 -1.53 -1.11
CA GLY A 17 -21.49 -1.93 -0.69
C GLY A 17 -22.57 -1.66 -1.73
N GLN A 18 -22.43 -0.55 -2.45
CA GLN A 18 -23.39 -0.19 -3.49
C GLN A 18 -23.42 -1.19 -4.64
N HIS A 19 -22.31 -1.91 -4.83
CA HIS A 19 -22.28 -3.00 -5.79
C HIS A 19 -23.15 -4.17 -5.33
N LEU A 20 -23.24 -4.37 -4.03
CA LEU A 20 -24.05 -5.46 -3.47
C LEU A 20 -25.52 -5.13 -3.50
N LEU A 21 -25.82 -3.85 -3.37
CA LEU A 21 -27.17 -3.38 -3.15
C LEU A 21 -28.22 -3.88 -4.17
N PRO A 22 -27.93 -3.85 -5.49
CA PRO A 22 -28.96 -4.32 -6.42
C PRO A 22 -29.38 -5.77 -6.19
N TRP A 23 -28.47 -6.57 -5.65
CA TRP A 23 -28.76 -7.98 -5.40
C TRP A 23 -29.78 -8.18 -4.27
N MET A 24 -29.95 -7.16 -3.44
CA MET A 24 -30.93 -7.22 -2.36
C MET A 24 -32.37 -7.36 -2.88
N ASP A 25 -32.60 -6.96 -4.13
CA ASP A 25 -33.94 -7.04 -4.71
C ASP A 25 -34.09 -8.22 -5.65
N ARG A 26 -33.03 -8.99 -5.81
CA ARG A 26 -33.09 -10.18 -6.67
C ARG A 26 -33.28 -11.43 -5.81
N LEU A 27 -34.55 -11.78 -5.61
CA LEU A 27 -34.94 -12.80 -4.63
C LEU A 27 -35.29 -14.15 -5.25
N SER A 28 -35.15 -14.26 -6.56
CA SER A 28 -35.37 -15.55 -7.23
C SER A 28 -34.30 -16.53 -6.76
N LEU A 29 -34.67 -17.80 -6.66
CA LEU A 29 -33.78 -18.79 -6.07
C LEU A 29 -32.46 -18.93 -6.85
N GLU A 30 -32.47 -18.61 -8.13
CA GLU A 30 -31.27 -18.70 -8.93
C GLU A 30 -30.29 -17.59 -8.56
N HIS A 31 -30.82 -16.52 -7.96
CA HIS A 31 -30.00 -15.38 -7.60
C HIS A 31 -29.78 -15.23 -6.09
N LEU A 32 -30.60 -15.89 -5.28
CA LEU A 32 -30.45 -15.84 -3.82
C LEU A 32 -29.04 -16.26 -3.41
N ASN A 33 -28.42 -15.45 -2.56
CA ASN A 33 -27.03 -15.66 -2.22
C ASN A 33 -26.77 -15.44 -0.73
N PRO A 34 -26.69 -16.54 0.04
CA PRO A 34 -26.45 -16.45 1.49
C PRO A 34 -25.12 -15.78 1.82
N SER A 35 -24.13 -15.87 0.92
CA SER A 35 -22.86 -15.21 1.19
C SER A 35 -22.97 -13.69 1.16
N ILE A 36 -23.85 -13.17 0.29
CA ILE A 36 -24.08 -11.73 0.23
C ILE A 36 -24.70 -11.20 1.53
N TYR A 37 -25.68 -11.93 2.06
CA TYR A 37 -26.33 -11.57 3.32
C TYR A 37 -25.33 -11.55 4.47
N VAL A 38 -24.53 -12.60 4.56
CA VAL A 38 -23.50 -12.72 5.60
C VAL A 38 -22.49 -11.60 5.52
N GLY A 39 -21.98 -11.35 4.32
CA GLY A 39 -20.98 -10.31 4.12
C GLY A 39 -21.50 -8.95 4.53
N LEU A 40 -22.78 -8.69 4.22
CA LEU A 40 -23.37 -7.40 4.57
C LEU A 40 -23.60 -7.26 6.08
N ARG A 41 -24.07 -8.32 6.74
CA ARG A 41 -24.31 -8.25 8.18
C ARG A 41 -23.02 -8.06 8.96
N LEU A 42 -21.92 -8.60 8.44
CA LEU A 42 -20.62 -8.48 9.09
C LEU A 42 -19.91 -7.18 8.74
N SER A 43 -20.51 -6.41 7.84
CA SER A 43 -19.89 -5.16 7.37
C SER A 43 -20.31 -3.98 8.23
N SER A 44 -19.82 -2.79 7.87
CA SER A 44 -20.24 -1.56 8.53
C SER A 44 -21.43 -0.95 7.80
N LEU A 45 -21.94 -1.68 6.81
CA LEU A 45 -23.03 -1.20 5.96
C LEU A 45 -24.29 -2.04 6.13
N GLN A 46 -25.43 -1.45 5.83
CA GLN A 46 -26.70 -2.17 5.94
C GLN A 46 -27.67 -1.77 4.83
N ALA A 47 -28.64 -2.64 4.55
CA ALA A 47 -29.66 -2.37 3.55
C ALA A 47 -31.05 -2.25 4.19
N GLY A 48 -31.07 -2.08 5.50
CA GLY A 48 -32.32 -1.83 6.23
C GLY A 48 -33.32 -2.97 6.11
N THR A 49 -34.58 -2.62 5.86
CA THR A 49 -35.66 -3.60 5.79
C THR A 49 -35.46 -4.62 4.66
N LYS A 50 -34.70 -4.26 3.63
CA LYS A 50 -34.42 -5.19 2.53
C LYS A 50 -33.77 -6.48 3.03
N GLU A 51 -33.00 -6.37 4.12
CA GLU A 51 -32.26 -7.50 4.66
C GLU A 51 -33.22 -8.56 5.20
N ASP A 52 -34.24 -8.11 5.91
CA ASP A 52 -35.22 -8.99 6.52
C ASP A 52 -35.96 -9.80 5.46
N LEU A 53 -36.34 -9.14 4.37
CA LEU A 53 -36.99 -9.81 3.26
C LEU A 53 -36.05 -10.81 2.60
N TYR A 54 -34.78 -10.46 2.53
CA TYR A 54 -33.77 -11.31 1.93
C TYR A 54 -33.61 -12.59 2.74
N LEU A 55 -33.55 -12.47 4.05
CA LEU A 55 -33.41 -13.64 4.91
C LEU A 55 -34.65 -14.51 4.84
N HIS A 56 -35.81 -13.86 4.82
CA HIS A 56 -37.07 -14.57 4.66
C HIS A 56 -37.09 -15.40 3.37
N SER A 57 -36.62 -14.81 2.28
CA SER A 57 -36.55 -15.52 1.00
C SER A 57 -35.60 -16.70 1.08
N LEU A 58 -34.47 -16.52 1.77
CA LEU A 58 -33.51 -17.59 1.98
C LEU A 58 -34.14 -18.75 2.72
N LYS A 59 -34.85 -18.48 3.78
CA LYS A 59 -35.47 -19.55 4.59
C LYS A 59 -36.59 -20.21 3.82
N LEU A 60 -37.36 -19.46 3.03
CA LEU A 60 -38.40 -20.08 2.22
C LEU A 60 -37.78 -21.04 1.21
N GLY A 61 -36.83 -20.53 0.42
CA GLY A 61 -36.21 -21.29 -0.62
C GLY A 61 -35.48 -22.53 -0.13
N TYR A 62 -34.56 -22.34 0.80
CA TYR A 62 -33.71 -23.44 1.26
C TYR A 62 -34.51 -24.53 1.98
N GLN A 63 -35.45 -24.16 2.80
CA GLN A 63 -36.13 -25.21 3.59
C GLN A 63 -37.12 -25.98 2.70
N GLN A 64 -37.86 -25.28 1.84
CA GLN A 64 -38.82 -25.95 0.94
C GLN A 64 -38.09 -26.85 -0.02
N CYS A 65 -37.06 -26.32 -0.68
CA CYS A 65 -36.45 -27.14 -1.75
C CYS A 65 -35.74 -28.37 -1.16
N LEU A 66 -34.86 -28.19 -0.19
CA LEU A 66 -34.11 -29.32 0.46
C LEU A 66 -34.98 -30.32 1.23
N LEU A 67 -35.98 -29.89 1.98
CA LEU A 67 -36.74 -30.83 2.85
C LEU A 67 -38.10 -31.30 2.30
N GLY A 68 -38.54 -30.85 1.14
CA GLY A 68 -39.91 -31.19 0.71
C GLY A 68 -39.96 -32.21 -0.41
N CYS A 78 -40.14 -26.04 -7.14
CA CYS A 78 -38.81 -25.42 -6.85
C CYS A 78 -38.01 -25.37 -8.14
N GLN A 79 -37.38 -24.24 -8.42
CA GLN A 79 -36.51 -24.23 -9.61
C GLN A 79 -35.11 -24.53 -9.09
N GLY A 80 -34.66 -25.75 -9.29
CA GLY A 80 -33.33 -26.14 -8.79
C GLY A 80 -33.41 -26.45 -7.31
N LYS A 81 -32.26 -26.80 -6.73
CA LYS A 81 -32.19 -27.03 -5.28
C LYS A 81 -30.88 -26.42 -4.85
N PRO A 82 -30.79 -25.84 -3.64
CA PRO A 82 -29.50 -25.40 -3.18
C PRO A 82 -28.52 -26.56 -2.94
N SER A 83 -27.27 -26.46 -3.41
CA SER A 83 -26.33 -27.50 -3.06
C SER A 83 -26.09 -27.55 -1.55
N MET A 84 -25.39 -28.60 -1.11
CA MET A 84 -25.03 -28.75 0.29
C MET A 84 -24.02 -27.69 0.71
N GLY A 85 -23.12 -27.31 -0.19
CA GLY A 85 -22.17 -26.24 0.11
C GLY A 85 -22.91 -24.93 0.33
N GLN A 86 -23.93 -24.69 -0.47
CA GLN A 86 -24.73 -23.49 -0.35
C GLN A 86 -25.56 -23.52 0.93
N LEU A 87 -25.99 -24.73 1.32
CA LEU A 87 -26.71 -24.92 2.58
C LEU A 87 -25.82 -24.53 3.77
N ALA A 88 -24.53 -24.84 3.66
CA ALA A 88 -23.57 -24.43 4.67
C ALA A 88 -23.53 -22.91 4.81
N LEU A 89 -23.52 -22.19 3.68
CA LEU A 89 -23.50 -20.73 3.74
C LEU A 89 -24.82 -20.18 4.26
N TYR A 90 -25.91 -20.89 3.95
CA TYR A 90 -27.20 -20.51 4.53
C TYR A 90 -27.16 -20.60 6.07
N LEU A 91 -26.41 -21.57 6.58
CA LEU A 91 -26.26 -21.72 8.01
C LEU A 91 -25.48 -20.51 8.59
N LEU A 92 -24.48 -20.04 7.85
CA LEU A 92 -23.76 -18.83 8.26
C LEU A 92 -24.69 -17.64 8.31
N ALA A 93 -25.63 -17.59 7.35
CA ALA A 93 -26.60 -16.51 7.26
C ALA A 93 -27.49 -16.48 8.50
N LEU A 94 -27.84 -17.67 9.01
CA LEU A 94 -28.65 -17.74 10.22
C LEU A 94 -27.89 -17.16 11.42
N ARG A 95 -26.61 -17.48 11.53
CA ARG A 95 -25.76 -16.95 12.60
C ARG A 95 -25.65 -15.43 12.50
N ALA A 96 -25.62 -14.93 11.27
CA ALA A 96 -25.52 -13.50 11.00
C ALA A 96 -26.74 -12.75 11.50
N ASN A 97 -27.84 -13.48 11.70
CA ASN A 97 -29.03 -12.89 12.29
C ASN A 97 -29.22 -13.35 13.75
N CYS A 98 -28.15 -13.85 14.37
CA CYS A 98 -28.21 -14.33 15.76
C CYS A 98 -29.26 -15.41 15.96
N GLU A 99 -29.32 -16.35 15.01
CA GLU A 99 -30.20 -17.50 15.11
C GLU A 99 -29.41 -18.79 15.13
N PHE A 100 -29.88 -19.77 15.90
CA PHE A 100 -29.38 -21.12 15.78
C PHE A 100 -30.37 -21.90 14.95
N VAL A 101 -29.87 -22.77 14.08
CA VAL A 101 -30.72 -23.63 13.28
C VAL A 101 -31.51 -24.52 14.24
N ARG A 102 -32.82 -24.57 14.08
CA ARG A 102 -33.68 -25.16 15.10
C ARG A 102 -35.00 -25.67 14.54
N GLY A 103 -35.77 -26.35 15.39
CA GLY A 103 -37.01 -26.97 14.99
C GLY A 103 -36.77 -28.25 14.22
N HIS A 104 -37.85 -28.91 13.83
CA HIS A 104 -37.75 -30.14 13.06
C HIS A 104 -37.16 -29.89 11.67
N LYS A 105 -37.60 -28.86 10.99
CA LYS A 105 -36.95 -28.60 9.70
C LYS A 105 -35.46 -28.32 9.97
N GLY A 106 -35.14 -27.43 10.90
CA GLY A 106 -33.73 -27.13 11.14
C GLY A 106 -32.89 -28.37 11.42
N ASP A 107 -33.38 -29.25 12.29
CA ASP A 107 -32.66 -30.47 12.62
C ASP A 107 -32.37 -31.31 11.37
N ARG A 108 -33.34 -31.39 10.48
CA ARG A 108 -33.21 -32.16 9.25
C ARG A 108 -32.16 -31.57 8.32
N LEU A 109 -32.10 -30.24 8.27
CA LEU A 109 -31.12 -29.58 7.44
C LEU A 109 -29.71 -29.87 7.93
N VAL A 110 -29.55 -29.87 9.26
CA VAL A 110 -28.28 -30.18 9.89
C VAL A 110 -27.81 -31.58 9.50
N SER A 111 -28.71 -32.55 9.56
CA SER A 111 -28.35 -33.93 9.27
C SER A 111 -28.03 -34.11 7.80
N GLN A 112 -28.66 -33.32 6.94
CA GLN A 112 -28.36 -33.36 5.51
C GLN A 112 -26.93 -32.88 5.27
N LEU A 113 -26.52 -31.82 5.97
CA LEU A 113 -25.17 -31.30 5.85
C LEU A 113 -24.16 -32.31 6.43
N LYS A 114 -24.54 -32.95 7.54
CA LYS A 114 -23.72 -34.01 8.11
C LYS A 114 -23.55 -35.19 7.16
N TRP A 115 -24.63 -35.54 6.42
CA TRP A 115 -24.55 -36.58 5.41
C TRP A 115 -23.61 -36.18 4.27
N PHE A 116 -23.65 -34.91 3.89
CA PHE A 116 -22.72 -34.42 2.86
C PHE A 116 -21.27 -34.67 3.28
N LEU A 117 -20.95 -34.34 4.52
CA LEU A 117 -19.59 -34.53 5.03
C LEU A 117 -19.23 -36.02 5.12
N GLU A 118 -20.18 -36.83 5.54
CA GLU A 118 -19.96 -38.25 5.67
C GLU A 118 -19.69 -38.89 4.30
N ASP A 119 -20.42 -38.44 3.29
CA ASP A 119 -20.25 -38.96 1.92
C ASP A 119 -18.89 -38.53 1.35
N GLU A 120 -18.48 -37.29 1.61
CA GLU A 120 -17.19 -36.84 1.16
C GLU A 120 -16.07 -37.58 1.90
N LYS A 121 -16.28 -37.85 3.19
CA LYS A 121 -15.31 -38.64 3.94
C LYS A 121 -15.13 -40.02 3.30
N ARG A 122 -16.24 -40.64 2.93
CA ARG A 122 -16.21 -41.97 2.31
C ARG A 122 -15.54 -41.90 0.94
N ALA A 123 -15.82 -40.83 0.20
CA ALA A 123 -15.24 -40.67 -1.14
C ALA A 123 -13.73 -40.49 -1.05
N ILE A 124 -13.27 -39.73 -0.06
CA ILE A 124 -11.84 -39.52 0.16
C ILE A 124 -11.17 -40.85 0.51
N GLY A 125 -11.79 -41.63 1.37
CA GLY A 125 -11.29 -42.96 1.69
C GLY A 125 -10.39 -43.03 2.91
N HIS A 126 -10.04 -44.25 3.31
CA HIS A 126 -9.09 -44.44 4.45
C HIS A 126 -7.67 -44.43 3.90
N ASP A 127 -7.49 -44.80 2.64
CA ASP A 127 -6.18 -44.69 1.97
C ASP A 127 -5.83 -43.22 1.93
N HIS A 128 -6.84 -42.35 1.72
CA HIS A 128 -6.72 -40.87 1.58
C HIS A 128 -6.37 -40.58 0.12
N LYS A 129 -6.23 -41.62 -0.70
CA LYS A 129 -6.01 -41.42 -2.15
C LYS A 129 -7.21 -40.78 -2.82
N GLY A 130 -8.42 -41.23 -2.50
CA GLY A 130 -9.62 -40.77 -3.24
C GLY A 130 -9.93 -39.31 -3.07
N HIS A 131 -10.33 -38.60 -4.12
CA HIS A 131 -10.73 -37.17 -4.07
C HIS A 131 -12.16 -36.97 -3.59
N PRO A 132 -12.51 -35.83 -2.96
CA PRO A 132 -13.90 -35.51 -2.66
C PRO A 132 -14.73 -35.21 -3.92
N HIS A 133 -16.06 -35.33 -3.89
CA HIS A 133 -16.82 -35.10 -5.11
C HIS A 133 -16.95 -33.62 -5.42
N THR A 134 -16.87 -32.81 -4.37
CA THR A 134 -16.72 -31.37 -4.49
C THR A 134 -15.31 -31.14 -3.97
N SER A 135 -15.02 -29.95 -3.47
CA SER A 135 -13.67 -29.61 -3.05
C SER A 135 -13.38 -29.70 -1.56
N TYR A 136 -12.10 -29.61 -1.19
CA TYR A 136 -11.77 -29.49 0.22
C TYR A 136 -12.22 -28.14 0.78
N TYR A 137 -12.41 -27.17 -0.12
CA TYR A 137 -12.98 -25.88 0.30
C TYR A 137 -14.36 -26.07 0.90
N GLN A 138 -15.22 -26.80 0.18
CA GLN A 138 -16.57 -27.07 0.64
C GLN A 138 -16.58 -28.01 1.86
N TYR A 139 -15.62 -28.91 1.91
CA TYR A 139 -15.48 -29.80 3.07
C TYR A 139 -15.21 -28.95 4.33
N GLY A 140 -14.27 -28.02 4.23
CA GLY A 140 -13.97 -27.14 5.36
C GLY A 140 -15.14 -26.24 5.70
N LEU A 141 -15.77 -25.67 4.66
CA LEU A 141 -16.93 -24.81 4.84
C LEU A 141 -18.06 -25.54 5.59
N GLY A 142 -18.28 -26.81 5.26
CA GLY A 142 -19.31 -27.59 5.92
C GLY A 142 -19.02 -27.82 7.40
N ILE A 143 -17.77 -28.12 7.72
CA ILE A 143 -17.38 -28.30 9.11
C ILE A 143 -17.53 -27.00 9.89
N LEU A 144 -17.11 -25.89 9.29
CA LEU A 144 -17.25 -24.59 9.90
C LEU A 144 -18.71 -24.27 10.20
N ALA A 145 -19.58 -24.42 9.18
CA ALA A 145 -20.99 -24.11 9.31
C ALA A 145 -21.65 -24.88 10.46
N LEU A 146 -21.35 -26.17 10.57
CA LEU A 146 -21.88 -26.99 11.65
C LEU A 146 -21.35 -26.53 13.01
N CYS A 147 -20.06 -26.25 13.05
CA CYS A 147 -19.41 -25.82 14.28
C CYS A 147 -20.01 -24.49 14.78
N LEU A 148 -20.32 -23.58 13.86
CA LEU A 148 -20.88 -22.27 14.24
C LEU A 148 -22.23 -22.41 14.92
N HIS A 149 -22.93 -23.50 14.60
CA HIS A 149 -24.20 -23.78 15.24
C HIS A 149 -24.05 -24.77 16.37
N GLN A 150 -22.81 -24.96 16.82
CA GLN A 150 -22.47 -25.86 17.91
C GLN A 150 -22.91 -27.31 17.63
N LYS A 151 -22.71 -27.77 16.46
CA LYS A 151 -22.99 -29.14 16.11
C LYS A 151 -21.68 -29.86 15.86
N ARG A 152 -21.52 -31.02 16.54
CA ARG A 152 -20.23 -31.68 16.56
C ARG A 152 -20.04 -32.62 15.36
N VAL A 153 -18.79 -32.73 14.91
CA VAL A 153 -18.45 -33.69 13.88
C VAL A 153 -17.33 -34.57 14.43
N HIS A 154 -17.30 -35.81 13.94
CA HIS A 154 -16.36 -36.80 14.45
C HIS A 154 -14.92 -36.47 14.13
N ASP A 155 -14.01 -36.90 15.04
CA ASP A 155 -12.58 -36.68 14.79
C ASP A 155 -12.15 -37.21 13.44
N SER A 156 -12.69 -38.35 13.04
CA SER A 156 -12.38 -38.95 11.74
C SER A 156 -12.67 -37.97 10.59
N VAL A 157 -13.69 -37.11 10.72
CA VAL A 157 -14.00 -36.10 9.71
C VAL A 157 -13.00 -34.96 9.74
N VAL A 158 -12.66 -34.47 10.92
CA VAL A 158 -11.64 -33.43 11.04
C VAL A 158 -10.33 -33.87 10.43
N ASP A 159 -9.99 -35.17 10.51
CA ASP A 159 -8.67 -35.63 10.13
C ASP A 159 -8.41 -35.41 8.63
N LYS A 160 -9.41 -35.67 7.80
CA LYS A 160 -9.29 -35.40 6.37
C LYS A 160 -8.76 -33.97 6.14
N LEU A 161 -9.43 -32.98 6.75
CA LEU A 161 -9.00 -31.59 6.63
C LEU A 161 -7.64 -31.36 7.26
N LEU A 162 -7.38 -31.94 8.44
CA LEU A 162 -6.08 -31.80 9.06
C LEU A 162 -4.97 -32.22 8.10
N TYR A 163 -5.21 -33.29 7.32
CA TYR A 163 -4.22 -33.75 6.35
C TYR A 163 -4.14 -32.79 5.16
N ALA A 164 -5.30 -32.34 4.64
CA ALA A 164 -5.34 -31.54 3.42
C ALA A 164 -4.61 -30.20 3.53
N VAL A 165 -4.20 -29.82 4.72
CA VAL A 165 -3.63 -28.51 5.00
C VAL A 165 -2.12 -28.51 5.09
N GLU A 166 -1.50 -29.68 5.21
CA GLU A 166 -0.06 -29.74 5.34
C GLU A 166 0.55 -29.45 3.97
N PRO A 167 1.70 -28.77 3.91
CA PRO A 167 2.18 -28.25 2.61
C PRO A 167 2.26 -29.26 1.50
N PHE A 168 2.87 -30.39 1.71
CA PHE A 168 3.09 -31.33 0.61
C PHE A 168 1.89 -32.24 0.33
N HIS A 169 0.68 -31.99 0.87
CA HIS A 169 -0.39 -32.96 0.74
C HIS A 169 -0.86 -33.16 -0.70
N GLN A 170 -1.06 -32.09 -1.44
CA GLN A 170 -1.45 -32.14 -2.88
C GLN A 170 -2.92 -32.44 -3.16
N GLY A 171 -3.82 -32.47 -2.16
CA GLY A 171 -5.24 -32.51 -2.50
C GLY A 171 -5.64 -31.28 -3.29
N HIS A 172 -5.10 -30.13 -2.89
CA HIS A 172 -5.34 -28.81 -3.47
C HIS A 172 -4.11 -27.97 -3.20
N HIS A 173 -4.07 -26.80 -3.84
CA HIS A 173 -3.00 -25.83 -3.63
C HIS A 173 -3.59 -24.43 -3.55
N SER A 174 -4.71 -24.34 -2.84
CA SER A 174 -5.63 -23.23 -2.83
C SER A 174 -5.49 -22.42 -1.54
N VAL A 175 -5.10 -21.15 -1.65
CA VAL A 175 -5.06 -20.29 -0.48
C VAL A 175 -6.46 -20.11 0.11
N ASP A 176 -7.46 -20.04 -0.74
CA ASP A 176 -8.82 -19.96 -0.25
C ASP A 176 -9.19 -21.18 0.59
N THR A 177 -8.86 -22.38 0.09
CA THR A 177 -9.23 -23.60 0.83
C THR A 177 -8.44 -23.68 2.14
N ALA A 178 -7.16 -23.35 2.09
CA ALA A 178 -6.40 -23.34 3.35
C ALA A 178 -6.99 -22.35 4.35
N ALA A 179 -7.39 -21.16 3.88
CA ALA A 179 -7.96 -20.17 4.78
C ALA A 179 -9.28 -20.66 5.35
N MET A 180 -10.14 -21.24 4.51
CA MET A 180 -11.42 -21.75 4.99
C MET A 180 -11.20 -22.85 6.02
N ALA A 181 -10.29 -23.78 5.71
CA ALA A 181 -9.91 -24.83 6.66
C ALA A 181 -9.48 -24.24 7.98
N GLY A 182 -8.51 -23.33 7.73
CA GLY A 182 -8.04 -22.66 8.93
C GLY A 182 -9.20 -22.07 9.73
N LEU A 183 -10.20 -21.55 9.03
CA LEU A 183 -11.37 -21.00 9.71
C LEU A 183 -12.15 -22.09 10.42
N ALA A 184 -12.31 -23.23 9.75
CA ALA A 184 -12.97 -24.39 10.33
C ALA A 184 -12.21 -24.88 11.57
N PHE A 185 -10.89 -25.04 11.46
CA PHE A 185 -10.05 -25.44 12.60
C PHE A 185 -10.17 -24.46 13.78
N THR A 186 -10.20 -23.17 13.46
CA THR A 186 -10.31 -22.14 14.50
C THR A 186 -11.64 -22.26 15.23
N CYS A 187 -12.73 -22.51 14.50
CA CYS A 187 -14.02 -22.65 15.18
C CYS A 187 -14.02 -23.86 16.10
N LEU A 188 -13.46 -24.98 15.63
CA LEU A 188 -13.34 -26.18 16.44
C LEU A 188 -12.55 -25.91 17.73
N LYS A 189 -11.44 -25.19 17.57
CA LYS A 189 -10.57 -24.91 18.71
C LYS A 189 -11.26 -23.98 19.72
N ARG A 190 -11.87 -22.91 19.23
CA ARG A 190 -12.56 -21.96 20.12
C ARG A 190 -13.76 -22.60 20.81
N SER A 191 -14.38 -23.58 20.15
CA SER A 191 -15.56 -24.23 20.73
C SER A 191 -15.18 -25.42 21.61
N ASN A 192 -13.88 -25.72 21.68
CA ASN A 192 -13.37 -26.92 22.35
C ASN A 192 -14.02 -28.19 21.83
N PHE A 193 -14.27 -28.23 20.53
CA PHE A 193 -14.81 -29.42 19.88
C PHE A 193 -13.68 -30.36 19.49
N ASN A 194 -14.01 -31.62 19.27
CA ASN A 194 -13.01 -32.65 18.93
C ASN A 194 -11.75 -32.61 19.81
N PRO A 195 -11.93 -32.75 21.15
CA PRO A 195 -10.77 -32.68 22.06
C PRO A 195 -9.73 -33.77 21.80
N GLY A 196 -10.13 -34.85 21.15
CA GLY A 196 -9.20 -35.92 20.84
C GLY A 196 -8.35 -35.59 19.62
N ARG A 197 -8.60 -34.44 19.01
CA ARG A 197 -7.75 -33.93 17.93
C ARG A 197 -7.19 -32.54 18.25
N ARG A 198 -7.28 -32.13 19.52
CA ARG A 198 -6.99 -30.74 19.87
C ARG A 198 -5.58 -30.29 19.49
N GLN A 199 -4.57 -31.09 19.81
CA GLN A 199 -3.20 -30.72 19.46
C GLN A 199 -2.97 -30.65 17.95
N ARG A 200 -3.52 -31.60 17.21
CA ARG A 200 -3.39 -31.58 15.76
C ARG A 200 -4.14 -30.39 15.16
N ILE A 201 -5.30 -30.07 15.71
CA ILE A 201 -6.05 -28.91 15.23
C ILE A 201 -5.24 -27.62 15.48
N THR A 202 -4.62 -27.53 16.65
CA THR A 202 -3.77 -26.38 16.99
C THR A 202 -2.59 -26.26 16.02
N MET A 203 -1.93 -27.39 15.78
CA MET A 203 -0.79 -27.44 14.85
C MET A 203 -1.21 -27.12 13.41
N ALA A 204 -2.41 -27.56 13.02
CA ALA A 204 -2.89 -27.33 11.66
C ALA A 204 -3.14 -25.84 11.39
N ILE A 205 -3.64 -25.13 12.40
CA ILE A 205 -3.86 -23.69 12.31
C ILE A 205 -2.54 -22.96 12.03
N ARG A 206 -1.50 -23.30 12.78
CA ARG A 206 -0.16 -22.75 12.54
C ARG A 206 0.37 -23.12 11.15
N THR A 207 0.13 -24.36 10.72
CA THR A 207 0.56 -24.79 9.39
C THR A 207 -0.08 -23.92 8.31
N VAL A 208 -1.39 -23.72 8.40
CA VAL A 208 -2.10 -22.89 7.45
C VAL A 208 -1.59 -21.45 7.48
N GLN A 209 -1.34 -20.90 8.67
CA GLN A 209 -0.73 -19.58 8.79
C GLN A 209 0.56 -19.46 7.99
N GLU A 210 1.49 -20.38 8.22
CA GLU A 210 2.78 -20.37 7.55
C GLU A 210 2.66 -20.50 6.04
N GLU A 211 1.77 -21.37 5.58
CA GLU A 211 1.67 -21.60 4.14
C GLU A 211 1.06 -20.38 3.46
N ILE A 212 0.11 -19.72 4.13
CA ILE A 212 -0.49 -18.52 3.57
C ILE A 212 0.54 -17.37 3.54
N LEU A 213 1.32 -17.23 4.58
CA LEU A 213 2.31 -16.15 4.61
C LEU A 213 3.42 -16.44 3.60
N LYS A 214 3.49 -17.66 3.07
CA LYS A 214 4.55 -18.05 2.11
C LYS A 214 4.01 -17.93 0.69
N ALA A 215 2.71 -17.74 0.55
CA ALA A 215 2.04 -17.56 -0.76
C ALA A 215 1.95 -16.07 -1.09
N GLN A 216 2.56 -15.23 -0.28
CA GLN A 216 2.46 -13.78 -0.52
C GLN A 216 3.18 -13.42 -1.80
N THR A 217 2.57 -12.55 -2.58
CA THR A 217 3.13 -12.09 -3.86
C THR A 217 3.99 -10.86 -3.60
N PRO A 218 5.05 -10.57 -4.39
CA PRO A 218 5.81 -9.32 -4.21
C PRO A 218 4.91 -8.07 -4.19
N GLU A 219 3.74 -8.14 -4.81
CA GLU A 219 2.78 -7.03 -4.78
C GLU A 219 2.15 -6.89 -3.40
N GLY A 220 1.90 -8.02 -2.71
CA GLY A 220 1.36 -8.00 -1.35
C GLY A 220 0.24 -9.00 -1.13
N HIS A 221 -0.38 -9.45 -2.19
CA HIS A 221 -1.54 -10.36 -2.10
C HIS A 221 -1.16 -11.76 -1.63
N PHE A 222 -2.10 -12.45 -1.00
CA PHE A 222 -1.84 -13.84 -0.60
C PHE A 222 -2.38 -14.71 -1.73
N GLY A 223 -1.49 -15.20 -2.59
CA GLY A 223 -1.88 -16.01 -3.74
C GLY A 223 -2.38 -15.15 -4.87
N ASN A 224 -3.60 -14.63 -4.72
CA ASN A 224 -4.23 -13.78 -5.76
C ASN A 224 -5.07 -12.69 -5.09
N VAL A 225 -5.33 -11.58 -5.78
CA VAL A 225 -6.12 -10.45 -5.23
C VAL A 225 -7.39 -11.00 -4.63
N TYR A 226 -7.90 -12.05 -5.23
CA TYR A 226 -9.19 -12.58 -4.80
C TYR A 226 -9.08 -13.66 -3.73
N SER A 227 -7.86 -14.09 -3.44
CA SER A 227 -7.61 -15.01 -2.32
C SER A 227 -7.38 -14.19 -1.05
N THR A 228 -6.86 -12.97 -1.22
CA THR A 228 -6.52 -12.11 -0.09
C THR A 228 -7.64 -11.87 0.94
N PRO A 229 -8.90 -11.65 0.49
CA PRO A 229 -9.94 -11.43 1.50
C PRO A 229 -10.12 -12.58 2.49
N LEU A 230 -10.29 -13.79 1.98
CA LEU A 230 -10.47 -14.95 2.86
C LEU A 230 -9.21 -15.23 3.65
N ALA A 231 -8.06 -15.01 3.02
CA ALA A 231 -6.79 -15.22 3.70
C ALA A 231 -6.67 -14.28 4.90
N LEU A 232 -7.09 -13.03 4.71
CA LEU A 232 -7.04 -12.04 5.77
C LEU A 232 -8.04 -12.40 6.88
N GLN A 233 -9.22 -12.85 6.51
CA GLN A 233 -10.19 -13.32 7.50
C GLN A 233 -9.54 -14.35 8.41
N PHE A 234 -8.89 -15.35 7.84
CA PHE A 234 -8.25 -16.36 8.68
C PHE A 234 -7.11 -15.80 9.52
N LEU A 235 -6.26 -14.98 8.92
CA LEU A 235 -5.08 -14.46 9.62
C LEU A 235 -5.48 -13.55 10.78
N MET A 236 -6.65 -12.94 10.69
CA MET A 236 -7.12 -12.01 11.71
C MET A 236 -7.60 -12.73 12.98
N THR A 237 -7.82 -14.04 12.90
CA THR A 237 -8.48 -14.73 13.99
C THR A 237 -7.55 -15.15 15.13
N SER A 238 -6.25 -15.23 14.86
CA SER A 238 -5.29 -15.62 15.89
C SER A 238 -3.95 -14.92 15.79
N PRO A 239 -3.27 -14.77 16.93
CA PRO A 239 -1.88 -14.30 16.89
C PRO A 239 -0.98 -15.31 16.20
N MET A 240 0.18 -14.84 15.76
CA MET A 240 1.17 -15.69 15.12
C MET A 240 2.54 -15.29 15.67
N ARG A 241 2.92 -15.87 16.78
CA ARG A 241 4.17 -15.55 17.44
C ARG A 241 5.39 -16.09 16.69
N GLY A 242 6.44 -15.27 16.66
CA GLY A 242 7.65 -15.61 15.92
C GLY A 242 7.65 -15.00 14.54
N ALA A 243 6.47 -14.96 13.93
CA ALA A 243 6.33 -14.40 12.60
C ALA A 243 6.05 -12.90 12.61
N GLU A 244 6.31 -12.24 11.49
CA GLU A 244 5.94 -10.84 11.33
C GLU A 244 4.61 -10.76 10.59
N LEU A 245 3.54 -11.09 11.30
CA LEU A 245 2.21 -11.08 10.76
C LEU A 245 1.72 -9.66 10.47
N GLY A 246 2.07 -8.74 11.38
CA GLY A 246 1.68 -7.35 11.23
C GLY A 246 2.20 -6.73 9.93
N THR A 247 3.48 -6.96 9.66
CA THR A 247 4.09 -6.47 8.43
C THR A 247 3.45 -7.08 7.18
N ALA A 248 3.23 -8.38 7.22
CA ALA A 248 2.66 -9.09 6.08
C ALA A 248 1.27 -8.54 5.76
N CYS A 249 0.48 -8.30 6.81
CA CYS A 249 -0.87 -7.82 6.62
C CYS A 249 -0.93 -6.36 6.16
N LEU A 250 0.01 -5.53 6.62
CA LEU A 250 0.06 -4.15 6.13
C LEU A 250 0.42 -4.12 4.65
N LYS A 251 1.33 -4.99 4.25
CA LYS A 251 1.71 -5.09 2.84
C LYS A 251 0.51 -5.55 2.01
N ALA A 252 -0.32 -6.40 2.58
CA ALA A 252 -1.52 -6.88 1.91
C ALA A 252 -2.54 -5.75 1.75
N ARG A 253 -2.66 -4.86 2.72
CA ARG A 253 -3.61 -3.72 2.61
C ARG A 253 -3.13 -2.82 1.49
N VAL A 254 -1.83 -2.57 1.42
CA VAL A 254 -1.32 -1.78 0.32
C VAL A 254 -1.74 -2.38 -1.01
N ALA A 255 -1.57 -3.70 -1.15
CA ALA A 255 -1.94 -4.40 -2.37
C ALA A 255 -3.45 -4.34 -2.58
N LEU A 256 -4.19 -4.50 -1.50
CA LEU A 256 -5.63 -4.48 -1.54
C LEU A 256 -6.15 -3.09 -1.96
N LEU A 257 -5.56 -2.06 -1.37
CA LEU A 257 -5.96 -0.69 -1.67
C LEU A 257 -5.74 -0.36 -3.15
N ALA A 258 -4.58 -0.71 -3.68
CA ALA A 258 -4.28 -0.48 -5.08
C ALA A 258 -5.29 -1.20 -5.97
N SER A 259 -5.59 -2.45 -5.64
CA SER A 259 -6.54 -3.25 -6.40
C SER A 259 -7.95 -2.64 -6.38
N LEU A 260 -8.37 -2.17 -5.20
CA LEU A 260 -9.66 -1.52 -5.05
C LEU A 260 -9.75 -0.26 -5.92
N GLN A 261 -8.72 0.57 -5.87
CA GLN A 261 -8.72 1.83 -6.60
C GLN A 261 -8.62 1.58 -8.11
N ASP A 262 -8.28 0.35 -8.48
CA ASP A 262 -8.19 -0.02 -9.88
C ASP A 262 -9.39 -0.90 -10.28
N GLY A 263 -10.44 -0.88 -9.47
CA GLY A 263 -11.69 -1.53 -9.82
C GLY A 263 -11.65 -3.05 -9.89
N ALA A 264 -10.80 -3.68 -9.08
CA ALA A 264 -10.67 -5.13 -9.09
C ALA A 264 -11.91 -5.86 -8.57
N PHE A 265 -12.65 -5.24 -7.66
CA PHE A 265 -13.74 -5.96 -6.98
C PHE A 265 -15.11 -5.60 -7.52
N GLN A 266 -15.57 -6.37 -8.51
CA GLN A 266 -16.87 -6.14 -9.12
C GLN A 266 -17.85 -7.22 -8.72
N ASN A 267 -17.33 -8.44 -8.60
CA ASN A 267 -18.13 -9.62 -8.29
C ASN A 267 -18.74 -9.56 -6.87
N ALA A 268 -20.04 -9.80 -6.77
CA ALA A 268 -20.75 -9.70 -5.49
C ALA A 268 -20.23 -10.66 -4.41
N LEU A 269 -19.94 -11.90 -4.79
CA LEU A 269 -19.39 -12.85 -3.81
C LEU A 269 -18.04 -12.41 -3.25
N MET A 270 -17.17 -11.94 -4.14
CA MET A 270 -15.86 -11.42 -3.73
C MET A 270 -15.98 -10.23 -2.78
N ILE A 271 -16.90 -9.33 -3.08
CA ILE A 271 -17.17 -8.19 -2.21
C ILE A 271 -17.68 -8.67 -0.85
N SER A 272 -18.53 -9.69 -0.87
CA SER A 272 -19.11 -10.21 0.36
C SER A 272 -18.05 -10.88 1.23
N GLN A 273 -16.96 -11.33 0.62
CA GLN A 273 -15.87 -11.93 1.41
C GLN A 273 -14.90 -10.86 1.91
N LEU A 274 -14.88 -9.71 1.26
CA LEU A 274 -13.97 -8.63 1.61
C LEU A 274 -14.55 -7.66 2.65
N LEU A 275 -15.84 -7.36 2.54
CA LEU A 275 -16.48 -6.40 3.44
C LEU A 275 -16.31 -6.70 4.93
N PRO A 276 -16.40 -7.98 5.35
CA PRO A 276 -16.14 -8.24 6.78
C PRO A 276 -14.75 -7.80 7.20
N VAL A 277 -13.74 -8.09 6.38
CA VAL A 277 -12.36 -7.70 6.67
C VAL A 277 -12.25 -6.19 6.91
N LEU A 278 -12.94 -5.44 6.07
CA LEU A 278 -12.86 -3.96 6.13
C LEU A 278 -13.58 -3.43 7.37
N ASN A 279 -14.34 -4.29 8.04
CA ASN A 279 -15.03 -3.93 9.28
C ASN A 279 -14.39 -4.66 10.48
N HIS A 280 -13.23 -5.25 10.26
CA HIS A 280 -12.49 -5.91 11.36
C HIS A 280 -13.28 -7.13 11.84
N LYS A 281 -13.97 -7.79 10.92
CA LYS A 281 -14.71 -8.98 11.30
C LYS A 281 -14.43 -10.13 10.35
N THR A 282 -14.68 -11.35 10.82
CA THR A 282 -14.48 -12.54 10.04
C THR A 282 -15.67 -13.47 10.26
N TYR A 283 -15.69 -14.59 9.55
CA TYR A 283 -16.72 -15.60 9.79
C TYR A 283 -16.69 -16.17 11.22
N ILE A 284 -15.55 -16.08 11.88
CA ILE A 284 -15.42 -16.57 13.26
C ILE A 284 -16.22 -15.71 14.25
N ASP A 285 -16.51 -14.46 13.85
CA ASP A 285 -17.38 -13.60 14.66
C ASP A 285 -18.82 -14.09 14.68
N LEU A 286 -19.11 -15.16 13.95
CA LEU A 286 -20.46 -15.73 13.92
C LEU A 286 -20.65 -16.72 15.06
N ILE A 287 -19.60 -16.96 15.84
CA ILE A 287 -19.75 -17.74 17.07
C ILE A 287 -20.51 -16.89 18.10
N PHE A 288 -20.05 -15.66 18.32
CA PHE A 288 -20.75 -14.71 19.19
C PHE A 288 -21.12 -13.46 18.41
N PRO A 289 -22.17 -13.56 17.57
CA PRO A 289 -22.54 -12.44 16.69
C PRO A 289 -23.03 -11.22 17.47
N ASP A 290 -22.75 -10.04 16.94
CA ASP A 290 -23.24 -8.76 17.47
C ASP A 290 -24.18 -8.14 16.43
N CYS A 291 -25.45 -8.51 16.50
CA CYS A 291 -26.39 -8.19 15.42
C CYS A 291 -26.89 -6.76 15.44
N LEU A 292 -26.75 -6.10 16.59
CA LEU A 292 -27.30 -4.76 16.76
C LEU A 292 -26.24 -3.66 16.70
N ALA A 293 -25.02 -4.04 16.37
CA ALA A 293 -23.97 -3.05 16.14
C ALA A 293 -24.42 -2.10 15.03
N PRO A 294 -24.21 -0.79 15.22
CA PRO A 294 -24.66 0.20 14.24
C PRO A 294 -24.00 0.03 12.89
N ARG A 295 -24.78 0.18 11.82
CA ARG A 295 -24.26 0.08 10.46
C ARG A 295 -24.86 1.19 9.62
N VAL A 296 -24.09 1.72 8.68
CA VAL A 296 -24.53 2.83 7.85
C VAL A 296 -25.50 2.35 6.78
N MET A 297 -26.64 3.03 6.66
CA MET A 297 -27.63 2.69 5.65
C MET A 297 -27.10 2.95 4.23
N LEU A 298 -27.11 1.91 3.40
CA LEU A 298 -26.69 2.05 2.01
C LEU A 298 -27.83 2.63 1.17
N GLU A 299 -27.53 3.68 0.43
CA GLU A 299 -28.49 4.24 -0.52
C GLU A 299 -28.02 3.93 -1.93
N PRO A 300 -28.96 3.78 -2.87
CA PRO A 300 -28.57 3.44 -4.25
C PRO A 300 -27.65 4.50 -4.82
N ALA A 301 -26.57 4.09 -5.45
CA ALA A 301 -25.70 5.07 -6.07
C ALA A 301 -26.43 5.73 -7.21
N ALA A 302 -26.81 6.99 -7.04
CA ALA A 302 -27.37 7.72 -8.16
C ALA A 302 -26.24 7.76 -9.14
N GLN A 309 -18.54 3.13 -26.15
CA GLN A 309 -18.71 3.79 -27.47
C GLN A 309 -17.65 3.25 -28.44
N GLU A 310 -16.48 2.85 -27.93
CA GLU A 310 -15.37 2.28 -28.76
C GLU A 310 -15.75 0.87 -29.22
N ILE A 311 -15.14 0.40 -30.31
CA ILE A 311 -15.44 -0.96 -30.82
C ILE A 311 -14.20 -1.82 -30.60
N ILE A 312 -14.38 -3.00 -30.02
CA ILE A 312 -13.22 -3.86 -29.67
C ILE A 312 -13.36 -5.21 -30.37
N SER A 313 -12.24 -5.77 -30.81
CA SER A 313 -12.22 -7.12 -31.43
C SER A 313 -11.52 -8.08 -30.48
N VAL A 314 -12.20 -9.16 -30.11
CA VAL A 314 -11.62 -10.17 -29.20
C VAL A 314 -11.62 -11.48 -29.97
N THR A 315 -10.49 -12.17 -29.97
CA THR A 315 -10.38 -13.47 -30.65
C THR A 315 -10.86 -14.56 -29.69
N LEU A 316 -11.76 -15.42 -30.13
CA LEU A 316 -12.20 -16.54 -29.29
C LEU A 316 -11.63 -17.82 -29.88
N GLN A 317 -10.83 -18.53 -29.09
CA GLN A 317 -10.19 -19.77 -29.55
C GLN A 317 -10.55 -20.97 -28.68
N VAL A 318 -11.04 -22.06 -29.26
CA VAL A 318 -11.33 -23.33 -28.51
C VAL A 318 -10.57 -24.47 -29.20
N LEU A 319 -9.29 -24.66 -28.90
CA LEU A 319 -8.41 -25.73 -29.44
C LEU A 319 -8.85 -27.14 -29.02
N SER A 320 -9.38 -27.30 -27.82
CA SER A 320 -9.73 -28.63 -27.26
C SER A 320 -10.77 -29.35 -28.10
N LEU A 321 -11.75 -28.62 -28.59
CA LEU A 321 -12.78 -29.18 -29.50
C LEU A 321 -12.23 -29.52 -30.89
N LEU A 322 -12.76 -30.56 -31.52
CA LEU A 322 -12.43 -30.88 -32.93
C LEU A 322 -13.75 -30.87 -33.70
N PRO A 323 -13.90 -30.28 -34.90
CA PRO A 323 -13.07 -29.18 -35.41
C PRO A 323 -12.74 -27.99 -34.50
N PRO A 324 -11.49 -27.50 -34.49
CA PRO A 324 -11.09 -26.37 -33.63
C PRO A 324 -11.72 -25.01 -34.01
N TYR A 325 -11.92 -24.12 -33.03
CA TYR A 325 -12.54 -22.79 -33.29
C TYR A 325 -11.60 -21.61 -33.02
N ARG A 326 -11.30 -20.78 -34.02
CA ARG A 326 -10.61 -19.49 -33.81
C ARG A 326 -11.42 -18.47 -34.59
N GLN A 327 -11.85 -17.39 -33.96
CA GLN A 327 -12.65 -16.34 -34.62
C GLN A 327 -12.36 -15.00 -33.97
N SER A 328 -12.57 -13.89 -34.66
CA SER A 328 -12.39 -12.55 -34.06
C SER A 328 -13.78 -11.96 -33.90
N ILE A 329 -14.13 -11.55 -32.69
CA ILE A 329 -15.51 -11.10 -32.41
C ILE A 329 -15.46 -9.63 -32.06
N SER A 330 -16.31 -8.84 -32.68
CA SER A 330 -16.26 -7.38 -32.46
C SER A 330 -17.35 -7.02 -31.48
N VAL A 331 -16.97 -6.35 -30.40
CA VAL A 331 -17.92 -6.00 -29.30
C VAL A 331 -17.64 -4.56 -28.86
N LEU A 332 -18.58 -3.90 -28.19
CA LEU A 332 -18.28 -2.56 -27.61
C LEU A 332 -17.30 -2.72 -26.45
N ALA A 333 -16.47 -1.72 -26.18
CA ALA A 333 -15.48 -1.82 -25.09
C ALA A 333 -16.16 -1.87 -23.73
N GLY A 334 -15.53 -2.56 -22.77
CA GLY A 334 -16.14 -2.79 -21.45
C GLY A 334 -17.07 -3.98 -21.50
N SER A 335 -17.11 -4.67 -22.64
CA SER A 335 -17.93 -5.89 -22.80
C SER A 335 -17.31 -7.05 -22.03
N THR A 336 -18.15 -7.90 -21.43
CA THR A 336 -17.71 -9.10 -20.67
C THR A 336 -17.33 -10.25 -21.61
N VAL A 337 -16.62 -11.28 -21.12
CA VAL A 337 -16.30 -12.47 -21.94
C VAL A 337 -17.62 -13.11 -22.34
N GLU A 338 -18.60 -13.10 -21.46
CA GLU A 338 -19.94 -13.66 -21.78
C GLU A 338 -20.52 -12.89 -22.93
N ASP A 339 -20.32 -11.58 -22.95
CA ASP A 339 -20.85 -10.73 -24.04
C ASP A 339 -20.20 -11.16 -25.36
N VAL A 340 -18.90 -11.43 -25.36
CA VAL A 340 -18.20 -11.93 -26.57
C VAL A 340 -18.78 -13.29 -26.95
N LEU A 341 -19.04 -14.15 -25.97
CA LEU A 341 -19.59 -15.51 -26.24
C LEU A 341 -20.97 -15.39 -26.85
N LYS A 342 -21.78 -14.48 -26.35
CA LYS A 342 -23.17 -14.30 -26.85
C LYS A 342 -23.13 -13.87 -28.31
N LYS A 343 -22.22 -12.96 -28.65
CA LYS A 343 -22.08 -12.48 -30.05
C LYS A 343 -21.66 -13.65 -30.93
N ALA A 344 -20.77 -14.49 -30.43
CA ALA A 344 -20.30 -15.65 -31.20
C ALA A 344 -21.47 -16.57 -31.51
N HIS A 345 -22.38 -16.75 -30.56
CA HIS A 345 -23.57 -17.57 -30.88
C HIS A 345 -24.37 -16.91 -32.00
N GLU A 346 -24.57 -15.60 -31.96
CA GLU A 346 -25.39 -14.90 -32.99
C GLU A 346 -24.76 -15.00 -34.37
N LEU A 347 -23.45 -14.80 -34.47
CA LEU A 347 -22.70 -14.87 -35.74
C LEU A 347 -22.79 -16.29 -36.29
N GLY A 348 -22.77 -17.27 -35.40
CA GLY A 348 -22.94 -18.68 -35.79
C GLY A 348 -21.71 -19.51 -35.57
N GLY A 349 -21.93 -20.82 -35.40
CA GLY A 349 -20.83 -21.76 -35.15
C GLY A 349 -20.40 -21.81 -33.70
N PHE A 350 -21.09 -21.11 -32.79
CA PHE A 350 -20.74 -21.26 -31.36
C PHE A 350 -21.94 -21.57 -30.47
N THR A 351 -21.80 -22.57 -29.61
CA THR A 351 -22.82 -22.87 -28.58
C THR A 351 -22.09 -22.98 -27.25
N TYR A 352 -22.63 -22.42 -26.18
CA TYR A 352 -22.03 -22.55 -24.83
C TYR A 352 -23.17 -22.78 -23.85
N GLU A 353 -22.89 -23.41 -22.72
CA GLU A 353 -23.94 -23.59 -21.69
C GLU A 353 -23.41 -23.09 -20.35
N THR A 354 -24.29 -22.52 -19.54
CA THR A 354 -23.87 -21.92 -18.24
C THR A 354 -24.76 -22.45 -17.12
N GLN A 355 -24.20 -22.55 -15.91
CA GLN A 355 -25.00 -22.99 -14.73
C GLN A 355 -24.87 -21.95 -13.62
N ALA A 356 -25.93 -21.78 -12.85
CA ALA A 356 -25.94 -20.76 -11.80
C ALA A 356 -24.98 -21.08 -10.67
N SER A 357 -24.30 -20.06 -10.18
CA SER A 357 -23.40 -20.20 -9.02
C SER A 357 -23.53 -18.93 -8.19
N LEU A 358 -23.18 -19.00 -6.92
CA LEU A 358 -23.20 -17.82 -6.04
C LEU A 358 -22.22 -16.78 -6.61
N SER A 359 -21.08 -17.23 -7.11
CA SER A 359 -20.12 -16.32 -7.79
C SER A 359 -20.74 -15.75 -9.08
N GLY A 360 -21.51 -16.51 -9.83
CA GLY A 360 -22.16 -15.99 -11.04
C GLY A 360 -22.33 -17.08 -12.06
N PRO A 361 -22.41 -16.78 -13.37
CA PRO A 361 -22.47 -17.83 -14.37
C PRO A 361 -21.20 -18.70 -14.43
N TYR A 362 -21.37 -20.01 -14.56
CA TYR A 362 -20.25 -20.99 -14.66
C TYR A 362 -20.36 -21.72 -16.00
N LEU A 363 -19.26 -21.90 -16.72
CA LEU A 363 -19.37 -22.46 -18.08
C LEU A 363 -19.36 -23.98 -18.04
N THR A 364 -20.54 -24.57 -18.05
CA THR A 364 -20.67 -26.04 -18.17
C THR A 364 -20.22 -26.61 -19.52
N SER A 365 -20.60 -25.97 -20.65
CA SER A 365 -20.32 -26.56 -21.99
C SER A 365 -19.82 -25.57 -23.02
N VAL A 366 -18.94 -26.01 -23.93
CA VAL A 366 -18.54 -25.20 -25.11
C VAL A 366 -18.74 -26.09 -26.34
N MET A 367 -19.49 -25.62 -27.33
CA MET A 367 -19.68 -26.32 -28.61
C MET A 367 -20.21 -27.74 -28.44
N GLY A 368 -21.11 -27.94 -27.49
CA GLY A 368 -21.74 -29.26 -27.34
C GLY A 368 -20.89 -30.21 -26.55
N LYS A 369 -19.76 -29.74 -26.03
CA LYS A 369 -18.98 -30.63 -25.15
C LYS A 369 -19.13 -30.07 -23.75
N ALA A 370 -19.59 -30.91 -22.83
CA ALA A 370 -19.85 -30.50 -21.45
C ALA A 370 -18.87 -31.23 -20.57
N ALA A 371 -18.24 -30.52 -19.67
CA ALA A 371 -17.18 -31.13 -18.86
C ALA A 371 -17.67 -32.26 -17.96
N GLY A 372 -16.88 -33.32 -17.89
CA GLY A 372 -17.17 -34.49 -17.05
C GLY A 372 -16.56 -34.37 -15.68
N GLU A 373 -16.60 -35.47 -14.94
CA GLU A 373 -16.10 -35.40 -13.56
C GLU A 373 -14.64 -35.01 -13.58
N ARG A 374 -14.25 -34.12 -12.69
CA ARG A 374 -12.83 -33.67 -12.54
C ARG A 374 -12.39 -32.96 -13.82
N GLU A 375 -13.33 -32.40 -14.58
CA GLU A 375 -13.03 -31.61 -15.80
C GLU A 375 -13.71 -30.26 -15.67
N PHE A 376 -13.02 -29.16 -15.99
CA PHE A 376 -13.65 -27.82 -16.02
C PHE A 376 -13.21 -27.07 -17.27
N TRP A 377 -14.02 -26.13 -17.72
CA TRP A 377 -13.56 -25.32 -18.87
C TRP A 377 -12.81 -24.12 -18.33
N GLN A 378 -11.49 -24.14 -18.49
CA GLN A 378 -10.62 -23.03 -18.03
C GLN A 378 -10.82 -21.84 -18.92
N LEU A 379 -10.71 -20.65 -18.36
CA LEU A 379 -10.77 -19.42 -19.17
C LEU A 379 -9.36 -18.91 -19.12
N LEU A 380 -8.75 -18.65 -20.26
CA LEU A 380 -7.34 -18.24 -20.31
C LEU A 380 -7.14 -17.11 -21.31
N ARG A 381 -6.10 -16.31 -21.10
CA ARG A 381 -5.73 -15.30 -22.10
C ARG A 381 -4.32 -15.65 -22.53
N ASP A 382 -4.05 -15.66 -23.83
CA ASP A 382 -2.72 -16.11 -24.32
C ASP A 382 -1.65 -15.15 -23.79
N PRO A 383 -0.47 -15.67 -23.39
CA PRO A 383 -0.13 -17.07 -23.56
C PRO A 383 -0.37 -18.00 -22.37
N ASN A 384 -1.43 -18.83 -22.38
CA ASN A 384 -1.62 -19.84 -21.31
C ASN A 384 -1.64 -19.14 -19.94
N THR A 385 -2.28 -17.98 -19.82
CA THR A 385 -2.39 -17.34 -18.50
C THR A 385 -3.81 -17.59 -18.06
N PRO A 386 -4.07 -18.32 -16.97
CA PRO A 386 -5.44 -18.50 -16.53
C PRO A 386 -6.07 -17.20 -16.01
N LEU A 387 -7.32 -16.94 -16.38
CA LEU A 387 -8.04 -15.73 -15.92
C LEU A 387 -8.39 -15.84 -14.45
N LEU A 388 -8.29 -14.75 -13.70
CA LEU A 388 -8.61 -14.69 -12.25
C LEU A 388 -10.06 -14.27 -12.05
N GLN A 389 -10.79 -14.05 -13.12
CA GLN A 389 -12.20 -13.58 -13.05
C GLN A 389 -13.08 -14.40 -13.99
N GLY A 390 -14.37 -14.43 -13.72
CA GLY A 390 -15.36 -15.19 -14.48
C GLY A 390 -15.79 -14.56 -15.78
N ILE A 391 -16.59 -15.28 -16.56
CA ILE A 391 -17.00 -14.76 -17.89
C ILE A 391 -17.75 -13.44 -17.75
N ALA A 392 -18.69 -13.28 -16.81
CA ALA A 392 -19.35 -11.98 -16.58
C ALA A 392 -18.40 -10.91 -16.04
N ASP A 393 -17.58 -11.22 -15.07
CA ASP A 393 -16.68 -10.24 -14.44
C ASP A 393 -15.55 -9.72 -15.35
N TYR A 394 -14.92 -10.59 -16.14
CA TYR A 394 -13.72 -10.17 -16.92
C TYR A 394 -14.10 -9.37 -18.15
N ARG A 395 -13.41 -8.26 -18.36
CA ARG A 395 -13.63 -7.50 -19.60
C ARG A 395 -12.33 -7.51 -20.36
N PRO A 396 -12.30 -8.09 -21.57
CA PRO A 396 -11.08 -8.17 -22.35
C PRO A 396 -10.56 -6.86 -22.96
N LYS A 397 -9.24 -6.66 -22.95
CA LYS A 397 -8.60 -5.49 -23.62
C LYS A 397 -8.54 -5.75 -25.12
N ASP A 398 -8.42 -4.69 -25.94
CA ASP A 398 -8.47 -4.89 -27.41
C ASP A 398 -7.28 -5.73 -27.88
N GLY A 399 -7.54 -6.65 -28.80
CA GLY A 399 -6.49 -7.52 -29.35
C GLY A 399 -6.20 -8.72 -28.47
N GLU A 400 -6.94 -8.88 -27.39
CA GLU A 400 -6.75 -10.05 -26.49
C GLU A 400 -7.24 -11.34 -27.14
N THR A 401 -6.57 -12.45 -26.87
CA THR A 401 -7.12 -13.74 -27.34
C THR A 401 -7.67 -14.42 -26.08
N ILE A 402 -8.96 -14.71 -26.09
CA ILE A 402 -9.61 -15.42 -24.96
C ILE A 402 -9.84 -16.84 -25.43
N GLU A 403 -9.32 -17.76 -24.67
CA GLU A 403 -9.34 -19.20 -24.94
C GLU A 403 -10.16 -19.94 -23.91
N LEU A 404 -10.89 -20.94 -24.38
CA LEU A 404 -11.64 -21.83 -23.48
C LEU A 404 -11.04 -23.23 -23.62
N ARG A 405 -10.39 -23.76 -22.58
CA ARG A 405 -9.71 -25.08 -22.63
C ARG A 405 -10.34 -26.07 -21.67
N LEU A 406 -10.70 -27.28 -22.12
CA LEU A 406 -11.16 -28.30 -21.15
C LEU A 406 -9.92 -28.83 -20.48
N VAL A 407 -9.93 -28.81 -19.17
CA VAL A 407 -8.74 -29.21 -18.40
C VAL A 407 -9.25 -30.07 -17.25
N SER A 408 -8.35 -30.88 -16.70
CA SER A 408 -8.73 -31.76 -15.58
C SER A 408 -8.27 -31.14 -14.26
N TRP A 409 -9.18 -31.02 -13.30
CA TRP A 409 -8.75 -30.56 -11.95
C TRP A 409 -8.52 -31.79 -11.08
N SER B 2 -55.51 -13.84 -0.42
CA SER B 2 -54.20 -13.44 0.14
C SER B 2 -53.17 -14.54 -0.06
N CYS B 3 -53.59 -15.82 0.05
CA CYS B 3 -52.60 -16.93 -0.02
C CYS B 3 -53.00 -17.99 -1.04
N PRO B 4 -52.06 -18.53 -1.83
CA PRO B 4 -52.34 -19.59 -2.80
C PRO B 4 -52.69 -20.91 -2.11
N PRO B 5 -53.41 -21.84 -2.76
CA PRO B 5 -53.81 -23.12 -2.15
C PRO B 5 -52.57 -23.90 -1.73
N THR B 6 -51.51 -23.84 -2.53
CA THR B 6 -50.24 -24.56 -2.27
C THR B 6 -49.63 -24.06 -0.97
N LYS B 7 -49.88 -22.81 -0.58
CA LYS B 7 -49.20 -22.25 0.62
C LYS B 7 -50.16 -21.87 1.76
N PHE B 8 -49.88 -22.30 2.99
CA PHE B 8 -50.66 -21.88 4.19
C PHE B 8 -50.40 -20.41 4.50
N GLN B 9 -51.38 -19.71 5.05
CA GLN B 9 -51.23 -18.27 5.36
C GLN B 9 -51.02 -18.10 6.85
N CYS B 10 -49.86 -17.61 7.23
CA CYS B 10 -49.67 -17.34 8.66
C CYS B 10 -50.65 -16.25 9.05
N ARG B 11 -51.31 -16.41 10.19
CA ARG B 11 -52.20 -15.34 10.70
C ARG B 11 -51.35 -14.20 11.23
N THR B 12 -51.91 -13.01 11.31
CA THR B 12 -51.25 -11.79 11.83
C THR B 12 -50.22 -11.27 10.83
N SER B 13 -49.19 -12.04 10.53
CA SER B 13 -48.20 -11.65 9.49
C SER B 13 -48.86 -11.65 8.13
N GLY B 14 -49.69 -12.64 7.87
CA GLY B 14 -50.30 -12.81 6.55
C GLY B 14 -49.28 -13.45 5.63
N LEU B 15 -48.16 -13.90 6.17
CA LEU B 15 -47.06 -14.41 5.31
C LEU B 15 -47.39 -15.82 4.84
N CYS B 16 -47.16 -16.08 3.57
CA CYS B 16 -47.49 -17.37 2.97
C CYS B 16 -46.28 -18.29 2.96
N VAL B 17 -46.46 -19.35 3.75
CA VAL B 17 -45.37 -20.32 3.98
C VAL B 17 -45.86 -21.60 3.34
N PRO B 18 -45.02 -22.61 3.06
CA PRO B 18 -45.49 -23.79 2.38
C PRO B 18 -46.53 -24.56 3.20
N LEU B 19 -47.48 -25.22 2.53
CA LEU B 19 -48.58 -25.95 3.24
C LEU B 19 -47.95 -27.04 4.08
N THR B 20 -46.94 -27.71 3.56
CA THR B 20 -46.20 -28.64 4.44
C THR B 20 -45.62 -27.70 5.47
N TRP B 21 -45.57 -28.04 6.75
CA TRP B 21 -45.10 -27.17 7.87
C TRP B 21 -46.32 -26.62 8.61
N ARG B 22 -47.50 -26.80 8.03
CA ARG B 22 -48.73 -26.38 8.75
C ARG B 22 -48.82 -27.22 10.01
N CYS B 23 -48.54 -28.53 9.92
CA CYS B 23 -48.52 -29.34 11.16
C CYS B 23 -47.24 -30.16 11.17
N ASP B 24 -46.10 -29.51 11.37
CA ASP B 24 -44.78 -30.22 11.40
C ASP B 24 -44.26 -30.27 12.84
N ARG B 25 -45.06 -29.90 13.83
CA ARG B 25 -44.63 -29.82 15.25
C ARG B 25 -43.58 -28.71 15.33
N ASP B 26 -43.31 -28.07 14.21
CA ASP B 26 -42.39 -26.91 14.13
C ASP B 26 -43.21 -25.64 14.04
N LEU B 27 -42.90 -24.72 14.93
CA LEU B 27 -43.66 -23.47 14.97
C LEU B 27 -43.06 -22.51 13.93
N ASP B 28 -43.61 -22.57 12.71
CA ASP B 28 -43.00 -21.82 11.60
C ASP B 28 -43.55 -20.39 11.52
N CYS B 29 -44.83 -20.20 11.77
CA CYS B 29 -45.38 -18.85 11.82
C CYS B 29 -45.03 -18.17 13.13
N SER B 30 -44.99 -16.85 13.13
CA SER B 30 -44.58 -16.10 14.35
C SER B 30 -45.58 -16.34 15.47
N ASP B 31 -46.87 -16.21 15.15
CA ASP B 31 -47.90 -16.48 16.17
C ASP B 31 -47.89 -17.97 16.51
N GLY B 32 -47.65 -18.81 15.52
CA GLY B 32 -47.71 -20.25 15.73
C GLY B 32 -48.99 -20.75 15.10
N SER B 33 -49.69 -19.85 14.40
CA SER B 33 -50.96 -20.22 13.79
C SER B 33 -50.88 -21.51 12.96
N ASP B 34 -49.67 -21.88 12.58
CA ASP B 34 -49.51 -23.14 11.82
C ASP B 34 -49.84 -24.29 12.75
N GLU B 35 -49.14 -24.39 13.88
CA GLU B 35 -49.31 -25.53 14.80
C GLU B 35 -50.56 -25.40 15.67
N GLU B 36 -50.87 -24.23 16.22
CA GLU B 36 -52.03 -24.11 17.15
C GLU B 36 -53.36 -24.48 16.46
N GLU B 37 -53.56 -24.05 15.21
CA GLU B 37 -54.80 -24.40 14.47
C GLU B 37 -54.86 -25.92 14.24
N CYS B 38 -53.71 -26.59 14.11
CA CYS B 38 -53.67 -28.08 13.93
C CYS B 38 -54.60 -28.79 14.92
N ARG B 39 -55.41 -29.72 14.42
CA ARG B 39 -54.89 -30.89 13.68
C ARG B 39 -55.55 -30.98 12.31
N SER B 77 -36.04 -57.88 0.67
CA SER B 77 -37.32 -57.34 1.14
C SER B 77 -37.17 -56.09 2.04
N ARG B 78 -36.04 -55.97 2.76
CA ARG B 78 -35.68 -54.78 3.55
C ARG B 78 -34.26 -54.31 3.20
N LEU B 79 -34.03 -52.98 3.29
CA LEU B 79 -32.89 -52.31 2.62
C LEU B 79 -31.71 -52.20 3.59
N ALA B 80 -30.74 -53.12 3.41
CA ALA B 80 -29.59 -53.28 4.29
C ALA B 80 -28.64 -52.09 4.25
N CYS B 81 -27.91 -51.90 5.35
CA CYS B 81 -26.98 -50.80 5.56
C CYS B 81 -25.53 -51.22 5.46
N LEU B 82 -24.69 -50.20 5.42
CA LEU B 82 -23.26 -50.41 5.31
C LEU B 82 -22.70 -50.83 6.66
N ALA B 83 -21.45 -51.26 6.65
CA ALA B 83 -20.76 -51.49 7.90
C ALA B 83 -20.22 -50.17 8.42
N GLY B 84 -20.22 -50.03 9.72
CA GLY B 84 -19.97 -48.74 10.30
C GLY B 84 -21.17 -47.85 10.33
N GLU B 85 -22.35 -48.40 10.07
CA GLU B 85 -23.62 -47.72 10.33
C GLU B 85 -24.42 -48.43 11.43
N LEU B 86 -25.17 -47.65 12.17
CA LEU B 86 -26.21 -48.11 13.08
C LEU B 86 -27.54 -48.20 12.38
N ARG B 87 -28.36 -49.11 12.90
CA ARG B 87 -29.80 -49.06 12.74
C ARG B 87 -30.38 -48.18 13.86
N CYS B 88 -31.21 -47.21 13.50
CA CYS B 88 -31.99 -46.50 14.50
C CYS B 88 -32.94 -47.48 15.17
N THR B 89 -33.02 -47.40 16.51
CA THR B 89 -33.77 -48.39 17.28
C THR B 89 -35.17 -48.65 16.77
N LEU B 90 -35.91 -47.61 16.37
CA LEU B 90 -37.28 -47.80 15.91
C LEU B 90 -37.50 -47.48 14.44
N SER B 91 -36.57 -46.80 13.78
CA SER B 91 -36.79 -46.31 12.43
C SER B 91 -36.09 -47.25 11.46
N ASP B 92 -36.46 -47.18 10.18
CA ASP B 92 -35.62 -47.87 9.22
C ASP B 92 -34.19 -47.36 9.31
N ASP B 93 -34.07 -46.05 9.50
CA ASP B 93 -32.90 -45.26 9.15
C ASP B 93 -31.58 -45.78 9.69
N CYS B 94 -30.54 -45.65 8.86
CA CYS B 94 -29.16 -45.94 9.22
C CYS B 94 -28.35 -44.66 9.29
N ILE B 95 -27.41 -44.64 10.23
CA ILE B 95 -26.59 -43.43 10.43
C ILE B 95 -25.18 -43.86 10.82
N PRO B 96 -24.13 -43.16 10.41
CA PRO B 96 -22.79 -43.54 10.82
C PRO B 96 -22.72 -43.79 12.32
N LEU B 97 -22.01 -44.83 12.71
CA LEU B 97 -21.97 -45.17 14.13
C LEU B 97 -21.29 -44.08 14.96
N THR B 98 -20.54 -43.18 14.33
CA THR B 98 -20.00 -42.03 15.05
C THR B 98 -21.06 -40.98 15.40
N TRP B 99 -22.24 -41.05 14.80
CA TRP B 99 -23.32 -40.13 15.13
C TRP B 99 -24.02 -40.52 16.42
N ARG B 100 -23.63 -41.64 17.04
CA ARG B 100 -24.11 -42.01 18.36
C ARG B 100 -23.53 -41.09 19.42
N CYS B 101 -24.40 -40.42 20.18
CA CYS B 101 -24.02 -39.51 21.26
C CYS B 101 -23.04 -38.43 20.76
N ASP B 102 -23.39 -37.81 19.63
CA ASP B 102 -22.64 -36.65 19.12
C ASP B 102 -23.32 -35.30 19.46
N GLY B 103 -24.40 -35.35 20.22
CA GLY B 103 -25.09 -34.19 20.65
C GLY B 103 -26.22 -33.78 19.74
N HIS B 104 -26.45 -34.52 18.68
CA HIS B 104 -27.48 -34.10 17.76
C HIS B 104 -28.34 -35.32 17.43
N PRO B 105 -29.64 -35.22 17.58
CA PRO B 105 -30.52 -36.32 17.15
C PRO B 105 -30.60 -36.53 15.66
N ASP B 106 -29.91 -37.56 15.15
CA ASP B 106 -29.92 -37.89 13.74
C ASP B 106 -30.97 -38.92 13.40
N CYS B 107 -31.56 -39.55 14.38
CA CYS B 107 -32.63 -40.50 14.18
C CYS B 107 -33.96 -39.87 14.44
N PRO B 108 -34.98 -40.15 13.66
CA PRO B 108 -36.32 -39.62 13.99
C PRO B 108 -36.78 -39.94 15.39
N ASP B 109 -36.53 -41.18 15.82
CA ASP B 109 -36.79 -41.59 17.20
C ASP B 109 -35.85 -40.97 18.21
N SER B 110 -34.81 -40.27 17.78
CA SER B 110 -33.74 -39.73 18.62
C SER B 110 -32.95 -40.81 19.37
N SER B 111 -33.10 -42.07 18.98
CA SER B 111 -32.42 -43.14 19.69
C SER B 111 -30.91 -43.01 19.68
N ASP B 112 -30.33 -42.18 18.82
CA ASP B 112 -28.87 -42.10 18.78
C ASP B 112 -28.31 -41.33 19.95
N GLU B 113 -29.17 -40.65 20.68
CA GLU B 113 -28.81 -39.74 21.76
C GLU B 113 -29.56 -40.09 23.03
N LEU B 114 -29.71 -41.37 23.34
CA LEU B 114 -30.56 -41.61 24.53
C LEU B 114 -29.76 -41.96 25.79
N GLY B 115 -29.13 -43.11 25.94
CA GLY B 115 -28.43 -43.30 27.22
C GLY B 115 -27.31 -42.32 27.45
N CYS B 116 -26.44 -42.15 26.49
CA CYS B 116 -25.44 -41.04 26.48
C CYS B 116 -24.64 -40.83 27.77
N GLY B 117 -24.05 -41.84 28.37
CA GLY B 117 -23.11 -41.66 29.50
C GLY B 117 -22.01 -42.71 29.42
N THR B 118 -20.79 -42.43 29.90
CA THR B 118 -19.68 -43.42 29.73
C THR B 118 -20.17 -44.79 30.21
N GLU C 1 -11.13 19.28 -10.39
CA GLU C 1 -10.16 19.13 -11.46
C GLU C 1 -8.88 18.46 -10.96
N MET C 2 -8.11 17.87 -11.87
CA MET C 2 -6.85 17.21 -11.53
C MET C 2 -5.63 18.02 -11.98
N CYS C 3 -4.51 17.84 -11.28
CA CYS C 3 -3.27 18.48 -11.69
C CYS C 3 -2.53 17.59 -12.68
N GLU C 4 -2.67 17.90 -13.97
CA GLU C 4 -2.04 17.08 -15.02
C GLU C 4 -0.92 17.89 -15.66
N ILE C 5 0.31 17.37 -15.63
CA ILE C 5 1.41 18.04 -16.38
C ILE C 5 1.58 17.19 -17.64
N PRO C 6 1.26 17.72 -18.84
CA PRO C 6 1.40 17.02 -20.11
C PRO C 6 2.87 16.75 -20.46
N GLU C 7 3.12 15.65 -21.18
CA GLU C 7 4.53 15.23 -21.39
C GLU C 7 5.37 16.24 -22.15
N MET C 8 6.56 16.49 -21.64
CA MET C 8 7.54 17.41 -22.26
C MET C 8 8.36 16.68 -23.31
N ASP C 9 9.11 17.43 -24.09
CA ASP C 9 9.90 16.84 -25.20
C ASP C 9 10.94 15.89 -24.60
N SER C 10 11.16 14.78 -25.31
CA SER C 10 12.08 13.72 -24.83
C SER C 10 13.49 14.30 -24.68
N HIS C 11 13.88 15.16 -25.59
CA HIS C 11 15.24 15.74 -25.54
C HIS C 11 15.44 16.56 -24.28
N LEU C 12 14.46 17.37 -23.88
CA LEU C 12 14.70 18.24 -22.70
C LEU C 12 14.91 17.38 -21.47
N VAL C 13 14.09 16.34 -21.32
CA VAL C 13 14.19 15.42 -20.15
C VAL C 13 15.51 14.69 -20.20
N GLU C 14 15.93 14.22 -21.36
CA GLU C 14 17.21 13.49 -21.51
C GLU C 14 18.36 14.43 -21.14
N LYS C 15 18.28 15.68 -21.58
CA LYS C 15 19.33 16.69 -21.26
C LYS C 15 19.30 16.94 -19.77
N LEU C 16 18.12 16.91 -19.17
CA LEU C 16 18.03 17.01 -17.70
C LEU C 16 18.70 15.81 -17.06
N GLY C 17 18.36 14.62 -17.53
CA GLY C 17 18.96 13.40 -16.99
C GLY C 17 20.48 13.35 -17.17
N GLN C 18 20.96 13.88 -18.29
CA GLN C 18 22.41 13.90 -18.54
C GLN C 18 23.17 14.77 -17.54
N HIS C 19 22.47 15.74 -16.94
CA HIS C 19 23.06 16.52 -15.85
C HIS C 19 23.26 15.67 -14.60
N LEU C 20 22.38 14.69 -14.40
CA LEU C 20 22.48 13.82 -13.23
C LEU C 20 23.55 12.78 -13.40
N LEU C 21 23.75 12.37 -14.65
CA LEU C 21 24.58 11.23 -14.98
C LEU C 21 26.00 11.23 -14.38
N PRO C 22 26.73 12.36 -14.44
CA PRO C 22 28.09 12.33 -13.87
C PRO C 22 28.11 11.98 -12.37
N TRP C 23 27.04 12.30 -11.67
CA TRP C 23 26.96 12.02 -10.24
C TRP C 23 26.86 10.54 -9.94
N MET C 24 26.46 9.75 -10.93
CA MET C 24 26.37 8.30 -10.76
C MET C 24 27.73 7.65 -10.49
N ASP C 25 28.81 8.34 -10.86
CA ASP C 25 30.16 7.80 -10.65
C ASP C 25 30.85 8.44 -9.45
N ARG C 26 30.17 9.37 -8.79
CA ARG C 26 30.73 10.02 -7.62
C ARG C 26 30.18 9.37 -6.35
N LEU C 27 30.80 8.26 -5.94
CA LEU C 27 30.24 7.48 -4.80
C LEU C 27 30.92 7.85 -3.49
N SER C 28 31.67 8.95 -3.47
CA SER C 28 32.26 9.42 -2.19
C SER C 28 31.11 9.80 -1.26
N LEU C 29 31.21 9.47 0.02
CA LEU C 29 30.08 9.77 0.94
C LEU C 29 29.73 11.24 0.80
N GLU C 30 30.75 12.11 0.71
CA GLU C 30 30.46 13.54 0.68
C GLU C 30 29.59 13.88 -0.53
N HIS C 31 29.61 13.00 -1.53
CA HIS C 31 28.87 13.24 -2.76
C HIS C 31 27.65 12.33 -2.93
N LEU C 32 27.60 11.23 -2.18
CA LEU C 32 26.46 10.31 -2.25
C LEU C 32 25.17 11.05 -1.98
N ASN C 33 24.18 10.82 -2.83
CA ASN C 33 22.94 11.58 -2.78
C ASN C 33 21.72 10.70 -3.02
N PRO C 34 21.03 10.30 -1.94
CA PRO C 34 19.84 9.45 -2.05
C PRO C 34 18.73 10.11 -2.85
N SER C 35 18.67 11.44 -2.86
CA SER C 35 17.63 12.10 -3.65
C SER C 35 17.84 11.95 -5.15
N ILE C 36 19.11 11.87 -5.57
CA ILE C 36 19.42 11.66 -6.99
C ILE C 36 18.96 10.27 -7.44
N TYR C 37 19.22 9.26 -6.62
CA TYR C 37 18.80 7.89 -6.91
C TYR C 37 17.29 7.78 -7.04
N VAL C 38 16.58 8.35 -6.06
CA VAL C 38 15.12 8.36 -6.05
C VAL C 38 14.56 9.05 -7.27
N GLY C 39 15.06 10.24 -7.57
CA GLY C 39 14.59 11.01 -8.71
C GLY C 39 14.76 10.25 -10.01
N LEU C 40 15.88 9.55 -10.14
CA LEU C 40 16.15 8.79 -11.36
C LEU C 40 15.24 7.56 -11.47
N ARG C 41 15.03 6.84 -10.37
CA ARG C 41 14.17 5.64 -10.40
C ARG C 41 12.72 6.00 -10.73
N LEU C 42 12.29 7.19 -10.31
CA LEU C 42 10.93 7.64 -10.55
C LEU C 42 10.77 8.29 -11.92
N SER C 43 11.89 8.44 -12.64
CA SER C 43 11.87 9.12 -13.94
C SER C 43 11.64 8.12 -15.08
N SER C 44 11.63 8.65 -16.30
CA SER C 44 11.55 7.79 -17.48
C SER C 44 12.95 7.42 -17.97
N LEU C 45 13.95 7.80 -17.19
CA LEU C 45 15.35 7.59 -17.56
C LEU C 45 16.05 6.65 -16.59
N GLN C 46 17.12 6.00 -17.06
CA GLN C 46 17.87 5.09 -16.21
C GLN C 46 19.36 5.16 -16.51
N ALA C 47 20.17 4.73 -15.55
CA ALA C 47 21.62 4.69 -15.71
C ALA C 47 22.15 3.25 -15.69
N GLY C 48 21.25 2.28 -15.85
CA GLY C 48 21.61 0.88 -15.97
C GLY C 48 22.31 0.34 -14.75
N THR C 49 23.40 -0.40 -14.97
CA THR C 49 24.13 -1.03 -13.87
C THR C 49 24.74 -0.03 -12.88
N LYS C 50 24.96 1.21 -13.32
CA LYS C 50 25.48 2.23 -12.42
C LYS C 50 24.57 2.45 -11.21
N GLU C 51 23.27 2.22 -11.40
CA GLU C 51 22.29 2.44 -10.34
C GLU C 51 22.51 1.46 -9.19
N ASP C 52 22.75 0.21 -9.54
CA ASP C 52 22.93 -0.84 -8.55
C ASP C 52 24.15 -0.57 -7.68
N LEU C 53 25.23 -0.12 -8.30
CA LEU C 53 26.43 0.26 -7.56
C LEU C 53 26.17 1.47 -6.66
N TYR C 54 25.36 2.38 -7.15
CA TYR C 54 25.02 3.58 -6.40
C TYR C 54 24.24 3.21 -5.14
N LEU C 55 23.27 2.33 -5.27
CA LEU C 55 22.47 1.91 -4.12
C LEU C 55 23.34 1.15 -3.13
N HIS C 56 24.20 0.29 -3.66
CA HIS C 56 25.15 -0.44 -2.82
C HIS C 56 26.02 0.52 -2.00
N SER C 57 26.51 1.58 -2.63
CA SER C 57 27.32 2.58 -1.93
C SER C 57 26.52 3.28 -0.86
N LEU C 58 25.24 3.57 -1.16
CA LEU C 58 24.36 4.21 -0.18
C LEU C 58 24.19 3.32 1.04
N LYS C 59 23.91 2.04 0.81
CA LYS C 59 23.73 1.08 1.88
C LYS C 59 25.00 0.91 2.72
N LEU C 60 26.16 0.87 2.06
CA LEU C 60 27.42 0.75 2.79
C LEU C 60 27.64 1.98 3.68
N GLY C 61 27.57 3.15 3.08
CA GLY C 61 27.83 4.39 3.77
C GLY C 61 26.88 4.65 4.93
N TYR C 62 25.59 4.62 4.64
CA TYR C 62 24.59 4.99 5.65
C TYR C 62 24.56 4.01 6.82
N GLN C 63 24.69 2.72 6.53
CA GLN C 63 24.59 1.73 7.59
C GLN C 63 25.87 1.65 8.44
N GLN C 64 27.03 1.82 7.82
CA GLN C 64 28.27 1.78 8.58
C GLN C 64 28.45 3.04 9.42
N CYS C 65 28.12 4.20 8.83
CA CYS C 65 28.33 5.47 9.51
C CYS C 65 27.39 5.68 10.68
N LEU C 66 26.16 5.21 10.56
CA LEU C 66 25.14 5.52 11.57
C LEU C 66 25.03 4.43 12.62
N LEU C 67 25.60 3.25 12.33
CA LEU C 67 25.49 2.12 13.24
C LEU C 67 26.85 1.68 13.79
N GLY C 68 27.90 1.94 13.03
CA GLY C 68 29.24 1.51 13.42
C GLY C 68 30.02 2.60 14.13
N CYS C 78 32.66 6.93 11.85
CA CYS C 78 32.77 7.12 10.37
C CYS C 78 33.35 8.49 10.05
N GLN C 79 33.17 8.93 8.79
CA GLN C 79 33.58 10.29 8.42
C GLN C 79 32.33 10.99 7.90
N GLY C 80 32.03 12.20 8.35
CA GLY C 80 30.91 12.93 7.72
C GLY C 80 29.63 12.12 7.72
N LYS C 81 29.28 11.50 8.85
CA LYS C 81 28.14 10.54 8.88
C LYS C 81 26.86 11.24 8.46
N PRO C 82 25.99 10.57 7.70
CA PRO C 82 24.80 11.19 7.17
C PRO C 82 23.78 11.70 8.19
N SER C 83 23.13 12.80 7.83
CA SER C 83 22.15 13.44 8.74
C SER C 83 20.89 12.60 8.91
N MET C 84 20.09 12.92 9.92
CA MET C 84 18.84 12.21 10.04
C MET C 84 17.90 12.55 8.88
N GLY C 85 17.94 13.79 8.41
CA GLY C 85 17.14 14.17 7.25
C GLY C 85 17.59 13.39 6.03
N GLN C 86 18.90 13.23 5.90
CA GLN C 86 19.45 12.47 4.78
C GLN C 86 19.12 10.99 4.90
N LEU C 87 19.06 10.50 6.13
CA LEU C 87 18.64 9.12 6.41
C LEU C 87 17.22 8.90 5.93
N ALA C 88 16.37 9.90 6.11
CA ALA C 88 15.01 9.84 5.60
C ALA C 88 14.99 9.65 4.09
N LEU C 89 15.83 10.41 3.37
CA LEU C 89 15.87 10.27 1.92
C LEU C 89 16.47 8.93 1.51
N TYR C 90 17.40 8.43 2.31
CA TYR C 90 17.92 7.08 2.08
C TYR C 90 16.79 6.04 2.16
N LEU C 91 15.83 6.27 3.06
CA LEU C 91 14.69 5.39 3.19
C LEU C 91 13.83 5.44 1.92
N LEU C 92 13.69 6.64 1.33
CA LEU C 92 12.98 6.76 0.06
C LEU C 92 13.69 5.98 -1.04
N ALA C 93 15.02 6.00 -0.99
CA ALA C 93 15.84 5.29 -1.95
C ALA C 93 15.58 3.79 -1.89
N LEU C 94 15.39 3.27 -0.68
CA LEU C 94 15.07 1.85 -0.52
C LEU C 94 13.74 1.50 -1.18
N ARG C 95 12.73 2.35 -0.99
CA ARG C 95 11.42 2.16 -1.60
C ARG C 95 11.53 2.20 -3.13
N ALA C 96 12.42 3.05 -3.63
CA ALA C 96 12.63 3.20 -5.06
C ALA C 96 13.20 1.93 -5.68
N ASN C 97 13.77 1.07 -4.84
CA ASN C 97 14.22 -0.24 -5.30
C ASN C 97 13.28 -1.37 -4.83
N CYS C 98 12.06 -1.00 -4.44
CA CYS C 98 11.08 -1.98 -3.95
C CYS C 98 11.60 -2.79 -2.75
N GLU C 99 12.24 -2.10 -1.82
CA GLU C 99 12.71 -2.71 -0.59
C GLU C 99 12.04 -2.06 0.61
N PHE C 100 11.77 -2.86 1.63
CA PHE C 100 11.40 -2.32 2.93
C PHE C 100 12.63 -2.38 3.81
N VAL C 101 12.83 -1.36 4.63
CA VAL C 101 13.98 -1.37 5.59
C VAL C 101 13.87 -2.68 6.39
N ARG C 102 14.92 -3.52 6.36
CA ARG C 102 14.74 -4.84 7.01
C ARG C 102 15.92 -5.25 7.91
N GLY C 103 15.68 -6.21 8.80
CA GLY C 103 16.72 -6.74 9.71
C GLY C 103 16.94 -5.92 10.96
N HIS C 104 17.83 -6.37 11.84
CA HIS C 104 18.15 -5.63 13.10
C HIS C 104 18.77 -4.27 12.75
N LYS C 105 19.64 -4.23 11.74
CA LYS C 105 20.25 -2.95 11.30
C LYS C 105 19.14 -2.03 10.79
N GLY C 106 18.19 -2.58 10.03
CA GLY C 106 17.05 -1.78 9.54
C GLY C 106 16.19 -1.26 10.68
N ASP C 107 15.94 -2.08 11.71
CA ASP C 107 15.14 -1.64 12.88
C ASP C 107 15.87 -0.52 13.60
N ARG C 108 17.20 -0.63 13.71
CA ARG C 108 18.02 0.42 14.37
C ARG C 108 17.88 1.73 13.60
N LEU C 109 18.00 1.70 12.27
CA LEU C 109 17.95 2.94 11.50
C LEU C 109 16.58 3.60 11.65
N VAL C 110 15.53 2.78 11.63
CA VAL C 110 14.17 3.27 11.82
C VAL C 110 14.02 3.97 13.16
N SER C 111 14.54 3.36 14.22
CA SER C 111 14.40 3.93 15.54
C SER C 111 15.20 5.21 15.69
N GLN C 112 16.32 5.31 14.97
CA GLN C 112 17.12 6.52 14.98
C GLN C 112 16.33 7.67 14.36
N LEU C 113 15.62 7.39 13.25
CA LEU C 113 14.79 8.40 12.60
C LEU C 113 13.61 8.76 13.51
N LYS C 114 13.04 7.76 14.18
CA LYS C 114 11.97 8.02 15.15
C LYS C 114 12.46 8.91 16.31
N TRP C 115 13.70 8.69 16.76
CA TRP C 115 14.30 9.53 17.79
C TRP C 115 14.48 10.96 17.30
N PHE C 116 14.87 11.12 16.04
CA PHE C 116 14.98 12.44 15.45
C PHE C 116 13.66 13.21 15.55
N LEU C 117 12.57 12.53 15.19
CA LEU C 117 11.25 13.15 15.24
C LEU C 117 10.82 13.45 16.68
N GLU C 118 11.13 12.54 17.59
CA GLU C 118 10.79 12.72 18.99
C GLU C 118 11.53 13.92 19.58
N ASP C 119 12.79 14.08 19.21
CA ASP C 119 13.60 15.20 19.70
C ASP C 119 13.09 16.53 19.14
N GLU C 120 12.71 16.55 17.88
CA GLU C 120 12.15 17.74 17.28
C GLU C 120 10.79 18.06 17.91
N LYS C 121 10.00 17.03 18.21
CA LYS C 121 8.74 17.26 18.88
C LYS C 121 8.97 17.94 20.24
N ARG C 122 9.96 17.45 20.98
CA ARG C 122 10.29 18.00 22.28
C ARG C 122 10.81 19.43 22.15
N ALA C 123 11.59 19.68 21.12
CA ALA C 123 12.16 21.02 20.89
C ALA C 123 11.05 22.01 20.56
N ILE C 124 10.09 21.58 19.76
CA ILE C 124 8.94 22.42 19.39
C ILE C 124 8.12 22.75 20.65
N GLY C 125 7.89 21.76 21.50
CA GLY C 125 7.22 22.00 22.78
C GLY C 125 5.72 21.78 22.75
N HIS C 126 5.14 21.62 23.93
CA HIS C 126 3.69 21.47 24.05
C HIS C 126 2.98 22.77 23.66
N ASP C 127 3.72 23.87 23.72
CA ASP C 127 3.15 25.18 23.38
C ASP C 127 3.19 25.52 21.88
N HIS C 128 4.11 24.86 21.16
CA HIS C 128 4.40 25.10 19.74
C HIS C 128 5.14 26.43 19.48
N LYS C 129 5.79 27.03 20.48
CA LYS C 129 6.63 28.21 20.21
C LYS C 129 8.04 27.86 19.73
N GLY C 130 8.68 26.90 20.41
CA GLY C 130 10.03 26.52 20.05
C GLY C 130 10.13 26.05 18.61
N HIS C 131 11.26 26.33 17.97
CA HIS C 131 11.48 25.88 16.61
C HIS C 131 12.02 24.46 16.65
N PRO C 132 11.88 23.72 15.53
CA PRO C 132 12.67 22.49 15.45
C PRO C 132 14.14 22.87 15.30
N HIS C 133 15.06 21.98 15.66
CA HIS C 133 16.49 22.28 15.52
C HIS C 133 16.89 22.30 14.05
N THR C 134 16.15 21.55 13.24
CA THR C 134 16.24 21.64 11.80
C THR C 134 14.90 22.26 11.41
N SER C 135 14.42 22.02 10.20
CA SER C 135 13.20 22.66 9.73
C SER C 135 11.92 21.82 9.80
N TYR C 136 10.79 22.46 9.57
CA TYR C 136 9.55 21.69 9.42
C TYR C 136 9.58 20.89 8.12
N TYR C 137 10.56 21.13 7.26
CA TYR C 137 10.68 20.34 6.01
C TYR C 137 11.18 18.96 6.36
N GLN C 138 12.26 18.89 7.13
CA GLN C 138 12.87 17.60 7.51
C GLN C 138 11.85 16.79 8.32
N TYR C 139 11.06 17.45 9.16
CA TYR C 139 10.06 16.76 10.01
C TYR C 139 9.02 16.06 9.12
N GLY C 140 8.54 16.71 8.08
CA GLY C 140 7.61 16.08 7.11
C GLY C 140 8.25 14.96 6.34
N LEU C 141 9.50 15.14 5.95
CA LEU C 141 10.21 14.12 5.16
C LEU C 141 10.34 12.87 6.00
N GLY C 142 10.68 13.03 7.27
CA GLY C 142 10.80 11.87 8.18
C GLY C 142 9.49 11.16 8.40
N ILE C 143 8.40 11.89 8.56
CA ILE C 143 7.10 11.19 8.69
C ILE C 143 6.82 10.44 7.40
N LEU C 144 7.05 11.05 6.25
CA LEU C 144 6.80 10.40 4.94
C LEU C 144 7.73 9.21 4.80
N ALA C 145 8.99 9.38 5.17
CA ALA C 145 9.95 8.29 5.02
C ALA C 145 9.48 7.11 5.86
N LEU C 146 9.13 7.40 7.12
CA LEU C 146 8.67 6.31 7.99
C LEU C 146 7.36 5.71 7.48
N CYS C 147 6.44 6.57 7.07
CA CYS C 147 5.15 6.13 6.57
C CYS C 147 5.31 5.25 5.32
N LEU C 148 6.25 5.62 4.43
CA LEU C 148 6.47 4.87 3.19
C LEU C 148 6.92 3.44 3.48
N HIS C 149 7.55 3.24 4.62
CA HIS C 149 7.98 1.92 5.05
C HIS C 149 7.00 1.29 6.00
N GLN C 150 5.80 1.88 6.07
CA GLN C 150 4.72 1.42 6.94
C GLN C 150 5.11 1.41 8.42
N LYS C 151 5.77 2.42 8.85
CA LYS C 151 6.13 2.56 10.26
C LYS C 151 5.34 3.72 10.84
N ARG C 152 4.66 3.45 11.96
CA ARG C 152 3.69 4.39 12.50
C ARG C 152 4.35 5.43 13.40
N VAL C 153 3.79 6.63 13.38
CA VAL C 153 4.20 7.68 14.31
C VAL C 153 2.97 8.15 15.06
N HIS C 154 3.22 8.60 16.28
CA HIS C 154 2.13 8.99 17.19
C HIS C 154 1.35 10.20 16.71
N ASP C 155 0.06 10.24 17.03
CA ASP C 155 -0.75 11.41 16.67
C ASP C 155 -0.13 12.70 17.15
N SER C 156 0.45 12.68 18.36
CA SER C 156 1.12 13.86 18.90
C SER C 156 2.21 14.40 17.96
N VAL C 157 2.89 13.52 17.21
CA VAL C 157 3.90 13.93 16.24
C VAL C 157 3.25 14.54 15.00
N VAL C 158 2.21 13.90 14.48
CA VAL C 158 1.49 14.47 13.35
C VAL C 158 0.98 15.86 13.65
N ASP C 159 0.59 16.14 14.90
CA ASP C 159 -0.10 17.39 15.22
C ASP C 159 0.80 18.60 14.98
N LYS C 160 2.08 18.49 15.34
CA LYS C 160 3.02 19.56 15.04
C LYS C 160 2.92 19.99 13.58
N LEU C 161 3.03 19.01 12.66
CA LEU C 161 2.91 19.30 11.24
C LEU C 161 1.52 19.81 10.87
N LEU C 162 0.47 19.20 11.42
CA LEU C 162 -0.88 19.67 11.15
C LEU C 162 -1.00 21.17 11.45
N TYR C 163 -0.09 21.68 12.27
CA TYR C 163 -0.11 23.12 12.67
C TYR C 163 0.73 24.01 11.76
N ALA C 164 1.92 23.57 11.36
CA ALA C 164 2.87 24.36 10.53
C ALA C 164 2.25 24.68 9.17
N VAL C 165 1.48 23.76 8.66
CA VAL C 165 0.79 23.89 7.36
C VAL C 165 -0.17 25.07 7.42
N GLU C 166 -0.77 25.37 8.57
CA GLU C 166 -1.81 26.43 8.65
C GLU C 166 -1.19 27.77 8.22
N PRO C 167 -1.93 28.65 7.49
CA PRO C 167 -1.35 29.86 6.90
C PRO C 167 -0.74 30.93 7.82
N PHE C 168 -1.34 31.19 8.96
CA PHE C 168 -0.91 32.29 9.86
C PHE C 168 0.12 31.77 10.87
N HIS C 169 0.55 30.54 10.76
CA HIS C 169 1.39 29.93 11.81
C HIS C 169 2.71 30.66 12.00
N GLN C 170 3.41 31.05 10.94
CA GLN C 170 4.65 31.86 11.04
C GLN C 170 5.84 30.96 11.40
N GLY C 171 5.63 29.65 11.52
CA GLY C 171 6.74 28.72 11.73
C GLY C 171 7.66 28.75 10.55
N HIS C 172 7.07 28.80 9.35
CA HIS C 172 7.84 28.86 8.09
C HIS C 172 6.99 29.53 7.04
N HIS C 173 7.64 30.00 5.98
CA HIS C 173 6.89 30.51 4.80
C HIS C 173 7.18 29.68 3.54
N SER C 174 7.84 28.52 3.65
CA SER C 174 8.26 27.70 2.47
C SER C 174 7.10 26.96 1.79
N VAL C 175 7.07 26.99 0.46
CA VAL C 175 6.05 26.24 -0.31
C VAL C 175 6.58 24.83 -0.38
N ASP C 176 7.90 24.72 -0.42
CA ASP C 176 8.50 23.40 -0.37
C ASP C 176 8.08 22.65 0.89
N THR C 177 8.12 23.31 2.05
CA THR C 177 7.75 22.63 3.30
C THR C 177 6.29 22.27 3.30
N ALA C 178 5.46 23.14 2.80
CA ALA C 178 4.03 22.81 2.74
C ALA C 178 3.85 21.59 1.85
N ALA C 179 4.47 21.59 0.70
CA ALA C 179 4.31 20.49 -0.23
C ALA C 179 4.80 19.19 0.39
N MET C 180 5.95 19.22 1.05
CA MET C 180 6.47 18.02 1.68
C MET C 180 5.51 17.53 2.77
N ALA C 181 5.02 18.45 3.60
CA ALA C 181 4.00 18.14 4.60
C ALA C 181 2.81 17.46 3.97
N GLY C 182 2.37 18.26 2.96
CA GLY C 182 1.24 17.70 2.25
C GLY C 182 1.52 16.28 1.79
N LEU C 183 2.75 16.02 1.37
CA LEU C 183 3.13 14.68 0.94
C LEU C 183 3.09 13.71 2.12
N ALA C 184 3.60 14.15 3.26
CA ALA C 184 3.56 13.36 4.49
C ALA C 184 2.12 13.06 4.89
N PHE C 185 1.26 14.08 4.91
CA PHE C 185 -0.17 13.91 5.23
C PHE C 185 -0.86 12.92 4.28
N THR C 186 -0.52 12.99 2.99
CA THR C 186 -1.17 12.12 1.96
C THR C 186 -0.89 10.65 2.25
N CYS C 187 0.34 10.30 2.61
CA CYS C 187 0.70 8.90 2.92
C CYS C 187 -0.09 8.40 4.11
N LEU C 188 -0.22 9.22 5.15
CA LEU C 188 -0.91 8.77 6.38
C LEU C 188 -2.36 8.48 6.05
N LYS C 189 -3.00 9.30 5.25
CA LYS C 189 -4.41 9.09 4.84
C LYS C 189 -4.59 7.83 3.99
N ARG C 190 -3.70 7.59 3.03
CA ARG C 190 -3.78 6.37 2.20
C ARG C 190 -3.56 5.15 3.08
N SER C 191 -2.57 5.20 3.95
CA SER C 191 -2.28 4.14 4.95
C SER C 191 -3.39 4.03 5.99
N ASN C 192 -4.01 5.15 6.41
CA ASN C 192 -4.97 5.24 7.55
C ASN C 192 -4.15 5.20 8.83
N PHE C 193 -2.85 5.44 8.69
CA PHE C 193 -2.02 5.58 9.90
C PHE C 193 -2.53 6.83 10.59
N ASN C 194 -2.54 6.83 11.91
CA ASN C 194 -3.07 7.97 12.70
C ASN C 194 -4.58 8.12 12.46
N PRO C 195 -5.45 7.12 12.71
CA PRO C 195 -6.90 7.28 12.52
C PRO C 195 -7.52 8.28 13.50
N GLY C 196 -6.85 8.54 14.62
CA GLY C 196 -7.37 9.50 15.59
C GLY C 196 -7.07 10.93 15.18
N ARG C 197 -6.38 11.10 14.05
CA ARG C 197 -6.17 12.42 13.45
C ARG C 197 -6.68 12.48 12.01
N ARG C 198 -7.50 11.50 11.62
CA ARG C 198 -7.85 11.35 10.21
C ARG C 198 -8.54 12.59 9.61
N GLN C 199 -9.52 13.14 10.30
CA GLN C 199 -10.22 14.32 9.78
C GLN C 199 -9.29 15.54 9.69
N ARG C 200 -8.45 15.74 10.70
CA ARG C 200 -7.51 16.85 10.66
C ARG C 200 -6.48 16.66 9.55
N ILE C 201 -6.03 15.42 9.36
CA ILE C 201 -5.08 15.14 8.28
C ILE C 201 -5.73 15.45 6.92
N THR C 202 -6.99 15.05 6.76
CA THR C 202 -7.74 15.34 5.54
C THR C 202 -7.88 16.83 5.29
N MET C 203 -8.24 17.57 6.34
CA MET C 203 -8.37 19.01 6.27
C MET C 203 -7.04 19.72 6.00
N ALA C 204 -5.96 19.18 6.55
CA ALA C 204 -4.63 19.77 6.37
C ALA C 204 -4.16 19.67 4.92
N ILE C 205 -4.49 18.56 4.27
CA ILE C 205 -4.16 18.36 2.86
C ILE C 205 -4.83 19.44 2.00
N ARG C 206 -6.13 19.68 2.23
CA ARG C 206 -6.85 20.75 1.54
C ARG C 206 -6.25 22.13 1.85
N THR C 207 -5.82 22.35 3.08
CA THR C 207 -5.21 23.66 3.44
C THR C 207 -3.97 23.87 2.60
N VAL C 208 -3.05 22.90 2.56
CA VAL C 208 -1.78 23.01 1.77
C VAL C 208 -2.15 23.23 0.31
N GLN C 209 -3.14 22.49 -0.18
CA GLN C 209 -3.56 22.73 -1.56
C GLN C 209 -3.88 24.21 -1.82
N GLU C 210 -4.76 24.77 -0.99
CA GLU C 210 -5.19 26.16 -1.14
C GLU C 210 -4.04 27.15 -0.99
N GLU C 211 -3.24 27.00 0.05
CA GLU C 211 -2.21 28.05 0.24
C GLU C 211 -1.06 27.84 -0.74
N ILE C 212 -1.07 26.77 -1.51
CA ILE C 212 -0.02 26.59 -2.56
C ILE C 212 -0.57 27.22 -3.82
N LEU C 213 -1.82 26.95 -4.14
CA LEU C 213 -2.46 27.63 -5.27
C LEU C 213 -2.45 29.14 -5.10
N LYS C 214 -2.59 29.61 -3.87
CA LYS C 214 -2.60 31.05 -3.65
C LYS C 214 -1.19 31.64 -3.72
N ALA C 215 -0.19 30.80 -3.94
CA ALA C 215 1.21 31.25 -4.03
C ALA C 215 1.69 31.29 -5.47
N GLN C 216 0.77 31.15 -6.42
CA GLN C 216 1.22 31.08 -7.83
C GLN C 216 1.78 32.41 -8.30
N THR C 217 2.92 32.37 -8.98
CA THR C 217 3.56 33.57 -9.55
C THR C 217 2.78 34.02 -10.79
N PRO C 218 2.89 35.30 -11.21
CA PRO C 218 2.26 35.77 -12.44
C PRO C 218 2.86 34.95 -13.58
N GLU C 219 4.16 34.64 -13.50
CA GLU C 219 4.84 33.78 -14.49
C GLU C 219 4.17 32.38 -14.51
N GLY C 220 3.76 31.85 -13.35
CA GLY C 220 3.01 30.57 -13.26
C GLY C 220 3.59 29.56 -12.28
N HIS C 221 4.81 29.76 -11.83
CA HIS C 221 5.43 28.85 -10.84
C HIS C 221 4.72 28.92 -9.50
N PHE C 222 5.07 28.03 -8.57
CA PHE C 222 4.49 28.15 -7.22
C PHE C 222 5.63 28.60 -6.31
N GLY C 223 5.53 29.82 -5.77
CA GLY C 223 6.56 30.44 -4.92
C GLY C 223 7.82 30.82 -5.67
N ASN C 224 8.50 29.84 -6.24
CA ASN C 224 9.75 30.05 -7.01
C ASN C 224 9.87 28.89 -8.00
N VAL C 225 10.71 29.04 -9.00
CA VAL C 225 10.80 28.00 -10.05
C VAL C 225 11.25 26.72 -9.36
N TYR C 226 12.21 26.81 -8.45
CA TYR C 226 12.74 25.64 -7.69
C TYR C 226 11.68 24.99 -6.79
N SER C 227 10.82 25.76 -6.14
CA SER C 227 9.70 25.23 -5.33
C SER C 227 8.71 24.48 -6.20
N THR C 228 8.42 24.97 -7.40
CA THR C 228 7.38 24.39 -8.29
C THR C 228 7.47 22.86 -8.37
N PRO C 229 8.63 22.21 -8.62
CA PRO C 229 8.65 20.75 -8.74
C PRO C 229 7.99 20.01 -7.57
N LEU C 230 8.38 20.34 -6.35
CA LEU C 230 7.81 19.67 -5.18
C LEU C 230 6.34 20.04 -5.03
N ALA C 231 5.99 21.27 -5.36
CA ALA C 231 4.61 21.71 -5.28
C ALA C 231 3.75 20.88 -6.23
N LEU C 232 4.26 20.63 -7.43
CA LEU C 232 3.54 19.84 -8.41
C LEU C 232 3.42 18.38 -7.96
N GLN C 233 4.48 17.84 -7.38
CA GLN C 233 4.42 16.49 -6.82
C GLN C 233 3.25 16.38 -5.86
N PHE C 234 3.12 17.33 -4.92
CA PHE C 234 2.01 17.26 -3.99
C PHE C 234 0.65 17.43 -4.66
N LEU C 235 0.54 18.40 -5.57
CA LEU C 235 -0.75 18.70 -6.21
C LEU C 235 -1.23 17.54 -7.06
N MET C 236 -0.29 16.73 -7.56
CA MET C 236 -0.63 15.60 -8.42
C MET C 236 -1.25 14.43 -7.67
N THR C 237 -1.13 14.43 -6.34
CA THR C 237 -1.49 13.24 -5.58
C THR C 237 -2.98 13.14 -5.26
N SER C 238 -3.70 14.25 -5.31
CA SER C 238 -5.14 14.23 -5.01
C SER C 238 -5.95 15.20 -5.85
N PRO C 239 -7.22 14.87 -6.06
CA PRO C 239 -8.13 15.84 -6.68
C PRO C 239 -8.35 17.04 -5.76
N MET C 240 -8.82 18.13 -6.35
CA MET C 240 -9.11 19.35 -5.61
C MET C 240 -10.41 19.90 -6.16
N ARG C 241 -11.52 19.43 -5.61
CA ARG C 241 -12.85 19.83 -6.06
C ARG C 241 -13.20 21.26 -5.65
N GLY C 242 -13.85 21.97 -6.57
CA GLY C 242 -14.21 23.37 -6.35
C GLY C 242 -13.18 24.29 -6.97
N ALA C 243 -11.92 23.88 -6.88
CA ALA C 243 -10.83 24.68 -7.44
C ALA C 243 -10.55 24.36 -8.90
N GLU C 244 -9.87 25.28 -9.58
CA GLU C 244 -9.40 25.03 -10.93
C GLU C 244 -7.94 24.60 -10.88
N LEU C 245 -7.73 23.37 -10.44
CA LEU C 245 -6.40 22.81 -10.31
C LEU C 245 -5.76 22.55 -11.67
N GLY C 246 -6.57 22.11 -12.63
CA GLY C 246 -6.11 21.83 -13.97
C GLY C 246 -5.51 23.05 -14.64
N THR C 247 -6.22 24.18 -14.55
CA THR C 247 -5.74 25.44 -15.10
C THR C 247 -4.45 25.91 -14.42
N ALA C 248 -4.42 25.82 -13.11
CA ALA C 248 -3.26 26.27 -12.35
C ALA C 248 -2.01 25.47 -12.75
N CYS C 249 -2.19 24.17 -12.90
CA CYS C 249 -1.08 23.30 -13.24
C CYS C 249 -0.61 23.48 -14.69
N LEU C 250 -1.53 23.75 -15.61
CA LEU C 250 -1.13 24.03 -16.99
C LEU C 250 -0.31 25.32 -17.06
N LYS C 251 -0.73 26.31 -16.28
CA LYS C 251 0.00 27.57 -16.24
C LYS C 251 1.40 27.35 -15.65
N ALA C 252 1.51 26.42 -14.72
CA ALA C 252 2.80 26.08 -14.12
C ALA C 252 3.70 25.39 -15.14
N ARG C 253 3.11 24.57 -16.00
CA ARG C 253 3.85 23.88 -17.04
C ARG C 253 4.46 24.89 -18.00
N VAL C 254 3.66 25.87 -18.38
CA VAL C 254 4.14 26.96 -19.21
C VAL C 254 5.35 27.65 -18.58
N ALA C 255 5.23 27.96 -17.29
CA ALA C 255 6.31 28.60 -16.55
C ALA C 255 7.52 27.68 -16.46
N LEU C 256 7.25 26.40 -16.22
CA LEU C 256 8.29 25.42 -16.09
C LEU C 256 9.05 25.25 -17.41
N LEU C 257 8.30 25.17 -18.51
CA LEU C 257 8.88 25.00 -19.83
C LEU C 257 9.81 26.16 -20.18
N ALA C 258 9.34 27.38 -19.95
CA ALA C 258 10.15 28.56 -20.21
C ALA C 258 11.43 28.53 -19.40
N SER C 259 11.31 28.18 -18.12
CA SER C 259 12.47 28.10 -17.23
C SER C 259 13.48 27.04 -17.70
N LEU C 260 12.97 25.88 -18.12
CA LEU C 260 13.82 24.81 -18.63
C LEU C 260 14.59 25.26 -19.87
N GLN C 261 13.89 25.89 -20.80
CA GLN C 261 14.51 26.31 -22.05
C GLN C 261 15.49 27.47 -21.82
N ASP C 262 15.42 28.06 -20.64
CA ASP C 262 16.33 29.14 -20.28
C ASP C 262 17.39 28.65 -19.28
N GLY C 263 17.55 27.33 -19.19
CA GLY C 263 18.64 26.74 -18.42
C GLY C 263 18.54 26.92 -16.91
N ALA C 264 17.32 27.01 -16.38
CA ALA C 264 17.15 27.21 -14.94
C ALA C 264 17.59 26.02 -14.10
N PHE C 265 17.50 24.81 -14.62
CA PHE C 265 17.72 23.62 -13.79
C PHE C 265 19.09 22.99 -14.01
N GLN C 266 20.06 23.42 -13.21
CA GLN C 266 21.43 22.92 -13.30
C GLN C 266 21.75 22.02 -12.12
N ASN C 267 21.22 22.40 -10.97
CA ASN C 267 21.46 21.70 -9.71
C ASN C 267 20.89 20.27 -9.71
N ALA C 268 21.70 19.29 -9.33
CA ALA C 268 21.31 17.88 -9.36
C ALA C 268 20.11 17.57 -8.46
N LEU C 269 20.07 18.13 -7.25
CA LEU C 269 18.94 17.89 -6.36
C LEU C 269 17.62 18.43 -6.94
N MET C 270 17.67 19.63 -7.50
CA MET C 270 16.51 20.24 -8.14
C MET C 270 16.00 19.39 -9.31
N ILE C 271 16.93 18.89 -10.11
CA ILE C 271 16.57 18.00 -11.22
C ILE C 271 15.93 16.72 -10.70
N SER C 272 16.47 16.21 -9.58
CA SER C 272 15.96 14.97 -9.00
C SER C 272 14.55 15.17 -8.44
N GLN C 273 14.18 16.40 -8.11
CA GLN C 273 12.83 16.66 -7.62
C GLN C 273 11.86 16.91 -8.79
N LEU C 274 12.40 17.30 -9.94
CA LEU C 274 11.58 17.61 -11.11
C LEU C 274 11.32 16.40 -12.01
N LEU C 275 12.32 15.55 -12.17
CA LEU C 275 12.20 14.38 -13.06
C LEU C 275 11.00 13.47 -12.77
N PRO C 276 10.67 13.21 -11.49
CA PRO C 276 9.45 12.41 -11.26
C PRO C 276 8.21 13.07 -11.84
N VAL C 277 8.06 14.38 -11.65
CA VAL C 277 6.92 15.12 -12.19
C VAL C 277 6.79 14.92 -13.69
N LEU C 278 7.92 15.00 -14.40
CA LEU C 278 7.91 14.87 -15.87
C LEU C 278 7.57 13.44 -16.31
N ASN C 279 7.58 12.51 -15.37
CA ASN C 279 7.20 11.11 -15.66
C ASN C 279 5.86 10.79 -15.00
N HIS C 280 5.14 11.82 -14.58
CA HIS C 280 3.83 11.67 -13.94
C HIS C 280 3.91 10.87 -12.63
N LYS C 281 5.02 11.01 -11.92
CA LYS C 281 5.19 10.31 -10.66
C LYS C 281 5.59 11.25 -9.55
N THR C 282 5.34 10.83 -8.32
CA THR C 282 5.67 11.61 -7.14
C THR C 282 6.28 10.68 -6.10
N TYR C 283 6.72 11.25 -4.98
CA TYR C 283 7.20 10.43 -3.87
C TYR C 283 6.12 9.49 -3.31
N ILE C 284 4.86 9.82 -3.52
CA ILE C 284 3.75 8.99 -3.03
C ILE C 284 3.67 7.67 -3.81
N ASP C 285 4.24 7.64 -5.02
CA ASP C 285 4.33 6.40 -5.79
C ASP C 285 5.30 5.40 -5.15
N LEU C 286 5.95 5.74 -4.07
CA LEU C 286 6.89 4.80 -3.40
C LEU C 286 6.13 3.89 -2.42
N ILE C 287 4.85 4.14 -2.16
CA ILE C 287 4.01 3.20 -1.36
C ILE C 287 3.86 1.89 -2.13
N PHE C 288 3.60 1.96 -3.43
CA PHE C 288 3.37 0.78 -4.30
C PHE C 288 4.22 0.95 -5.54
N PRO C 289 5.55 0.75 -5.46
CA PRO C 289 6.41 1.02 -6.60
C PRO C 289 6.43 0.05 -7.79
N ASP C 290 6.38 0.55 -9.03
CA ASP C 290 6.58 -0.32 -10.24
C ASP C 290 8.06 -0.26 -10.59
N CYS C 291 8.85 -1.11 -9.96
CA CYS C 291 10.30 -1.21 -10.22
C CYS C 291 10.55 -1.71 -11.65
N LEU C 292 9.72 -2.60 -12.13
CA LEU C 292 9.88 -3.24 -13.46
C LEU C 292 9.60 -2.27 -14.62
N ALA C 293 8.99 -1.12 -14.37
CA ALA C 293 8.56 -0.19 -15.43
C ALA C 293 9.73 0.27 -16.30
N PRO C 294 9.51 0.36 -17.63
CA PRO C 294 10.60 0.63 -18.56
C PRO C 294 11.18 2.04 -18.58
N ARG C 295 12.51 2.14 -18.75
CA ARG C 295 13.10 3.47 -18.71
C ARG C 295 14.20 3.55 -19.74
N VAL C 296 14.37 4.72 -20.35
CA VAL C 296 15.35 4.90 -21.41
C VAL C 296 16.76 5.01 -20.83
N MET C 297 17.68 4.23 -21.40
CA MET C 297 19.07 4.27 -20.95
C MET C 297 19.72 5.62 -21.26
N LEU C 298 20.25 6.27 -20.24
CA LEU C 298 20.97 7.53 -20.42
C LEU C 298 22.39 7.28 -20.87
N GLU C 299 22.79 7.94 -21.95
CA GLU C 299 24.17 7.88 -22.41
C GLU C 299 24.82 9.23 -22.16
N PRO C 300 26.14 9.23 -21.91
CA PRO C 300 26.81 10.50 -21.63
C PRO C 300 26.66 11.48 -22.77
N ALA C 301 26.31 12.73 -22.48
CA ALA C 301 26.22 13.70 -23.54
C ALA C 301 27.60 13.93 -24.12
N ALA C 302 27.83 13.45 -25.34
CA ALA C 302 29.07 13.79 -26.00
C ALA C 302 28.98 15.28 -26.16
N GLU C 303 29.98 15.99 -25.68
CA GLU C 303 29.84 17.43 -25.68
C GLU C 303 31.12 18.16 -25.43
N GLN C 309 35.62 33.01 -23.14
CA GLN C 309 37.04 33.43 -23.17
C GLN C 309 37.07 34.92 -22.82
N GLU C 310 36.21 35.34 -21.90
CA GLU C 310 36.16 36.77 -21.50
C GLU C 310 36.57 36.87 -20.04
N ILE C 311 36.84 38.08 -19.57
CA ILE C 311 37.09 38.27 -18.11
C ILE C 311 36.04 39.25 -17.63
N ILE C 312 35.33 38.90 -16.58
CA ILE C 312 34.29 39.79 -16.01
C ILE C 312 34.73 40.22 -14.61
N SER C 313 34.23 41.35 -14.12
CA SER C 313 34.51 41.82 -12.74
C SER C 313 33.22 41.89 -11.93
N VAL C 314 33.23 41.29 -10.74
CA VAL C 314 32.04 41.27 -9.84
C VAL C 314 32.45 41.84 -8.48
N THR C 315 31.65 42.74 -7.92
CA THR C 315 31.95 43.26 -6.56
C THR C 315 31.40 42.30 -5.51
N LEU C 316 32.22 41.95 -4.53
CA LEU C 316 31.77 41.10 -3.41
C LEU C 316 31.73 41.95 -2.16
N GLN C 317 30.53 42.16 -1.61
CA GLN C 317 30.41 43.05 -0.44
C GLN C 317 29.87 42.31 0.78
N VAL C 318 30.55 42.44 1.92
CA VAL C 318 29.97 41.90 3.17
C VAL C 318 29.74 43.15 4.03
N LEU C 319 28.52 43.39 4.46
CA LEU C 319 28.19 44.60 5.24
C LEU C 319 27.55 44.11 6.54
N SER C 320 27.69 42.83 6.82
CA SER C 320 27.14 42.26 8.09
C SER C 320 28.21 42.12 9.16
N LEU C 321 29.42 42.59 8.91
CA LEU C 321 30.44 42.50 9.98
C LEU C 321 31.36 43.72 9.94
N LEU C 322 32.16 43.90 10.98
CA LEU C 322 33.16 45.00 10.96
C LEU C 322 34.55 44.35 10.97
N PRO C 323 35.43 44.68 10.01
CA PRO C 323 35.18 45.77 9.08
C PRO C 323 34.32 45.41 7.86
N PRO C 324 33.51 46.34 7.33
CA PRO C 324 32.79 46.09 6.10
C PRO C 324 33.80 45.76 5.00
N TYR C 325 33.68 44.59 4.35
CA TYR C 325 34.60 44.26 3.24
C TYR C 325 33.92 44.50 1.90
N ARG C 326 34.47 45.37 1.06
CA ARG C 326 33.97 45.50 -0.32
C ARG C 326 35.18 45.39 -1.24
N GLN C 327 35.14 44.50 -2.23
CA GLN C 327 36.25 44.37 -3.19
C GLN C 327 35.65 44.01 -4.54
N SER C 328 36.34 44.33 -5.63
CA SER C 328 35.86 43.93 -6.97
C SER C 328 36.78 42.81 -7.46
N ILE C 329 36.20 41.71 -7.90
CA ILE C 329 37.03 40.53 -8.28
C ILE C 329 36.81 40.22 -9.76
N SER C 330 37.89 40.03 -10.48
CA SER C 330 37.78 39.78 -11.94
C SER C 330 37.86 38.28 -12.15
N VAL C 331 36.86 37.72 -12.80
CA VAL C 331 36.78 36.25 -12.98
C VAL C 331 36.39 35.97 -14.43
N LEU C 332 36.73 34.80 -14.94
CA LEU C 332 36.39 34.47 -16.33
C LEU C 332 34.87 34.37 -16.45
N ALA C 333 34.32 34.71 -17.60
CA ALA C 333 32.85 34.73 -17.73
C ALA C 333 32.26 33.34 -17.52
N GLY C 334 31.10 33.25 -16.86
CA GLY C 334 30.49 31.95 -16.52
C GLY C 334 31.05 31.39 -15.22
N SER C 335 31.91 32.14 -14.53
CA SER C 335 32.44 31.71 -13.21
C SER C 335 31.34 31.76 -12.15
N THR C 336 31.37 30.83 -11.19
CA THR C 336 30.39 30.75 -10.08
C THR C 336 30.70 31.78 -8.98
N VAL C 337 29.74 32.04 -8.12
CA VAL C 337 29.97 32.94 -6.95
C VAL C 337 31.06 32.27 -6.11
N GLU C 338 31.05 30.94 -6.01
CA GLU C 338 32.06 30.19 -5.22
C GLU C 338 33.43 30.46 -5.83
N ASP C 339 33.52 30.53 -7.16
CA ASP C 339 34.80 30.86 -7.82
C ASP C 339 35.24 32.27 -7.40
N VAL C 340 34.32 33.23 -7.30
CA VAL C 340 34.65 34.62 -6.86
C VAL C 340 35.16 34.59 -5.42
N LEU C 341 34.53 33.81 -4.53
CA LEU C 341 35.03 33.70 -3.13
C LEU C 341 36.42 33.05 -3.13
N LYS C 342 36.69 32.12 -4.04
CA LYS C 342 38.05 31.56 -4.18
C LYS C 342 39.06 32.63 -4.64
N LYS C 343 38.68 33.45 -5.62
CA LYS C 343 39.55 34.57 -6.07
C LYS C 343 39.72 35.56 -4.93
N ALA C 344 38.67 35.83 -4.17
CA ALA C 344 38.74 36.75 -3.04
C ALA C 344 39.73 36.23 -2.01
N HIS C 345 39.74 34.92 -1.76
CA HIS C 345 40.74 34.32 -0.84
C HIS C 345 42.12 34.51 -1.44
N GLU C 346 42.25 34.35 -2.75
CA GLU C 346 43.55 34.55 -3.44
C GLU C 346 43.99 36.01 -3.31
N LEU C 347 43.06 36.97 -3.45
CA LEU C 347 43.35 38.43 -3.28
C LEU C 347 43.80 38.70 -1.85
N GLY C 348 43.19 38.04 -0.87
CA GLY C 348 43.54 38.19 0.56
C GLY C 348 42.56 39.05 1.32
N GLY C 349 42.46 38.86 2.63
CA GLY C 349 41.49 39.60 3.45
C GLY C 349 40.12 38.97 3.41
N PHE C 350 39.95 37.82 2.73
CA PHE C 350 38.64 37.11 2.74
C PHE C 350 38.79 35.65 3.14
N THR C 351 37.97 35.20 4.08
CA THR C 351 37.95 33.79 4.51
C THR C 351 36.50 33.29 4.44
N TYR C 352 36.29 32.05 4.01
CA TYR C 352 34.92 31.45 3.98
C TYR C 352 34.98 29.97 4.33
N GLU C 353 33.88 29.44 4.85
CA GLU C 353 33.81 27.98 5.16
C GLU C 353 32.58 27.37 4.49
N THR C 354 32.77 26.22 3.85
CA THR C 354 31.67 25.56 3.10
C THR C 354 31.37 24.21 3.75
N GLN C 355 30.08 23.90 3.90
CA GLN C 355 29.68 22.61 4.48
C GLN C 355 28.96 21.82 3.39
N ALA C 356 29.27 20.53 3.28
CA ALA C 356 28.66 19.67 2.26
C ALA C 356 27.16 19.47 2.45
N SER C 357 26.42 19.48 1.35
CA SER C 357 24.95 19.26 1.37
C SER C 357 24.57 18.48 0.11
N LEU C 358 23.41 17.84 0.11
CA LEU C 358 22.94 17.15 -1.09
C LEU C 358 22.75 18.18 -2.19
N SER C 359 22.23 19.37 -1.86
CA SER C 359 22.10 20.48 -2.84
C SER C 359 23.47 20.96 -3.33
N GLY C 360 24.44 21.07 -2.45
CA GLY C 360 25.80 21.49 -2.83
C GLY C 360 26.52 22.10 -1.66
N PRO C 361 27.62 22.84 -1.87
CA PRO C 361 28.25 23.55 -0.76
C PRO C 361 27.37 24.61 -0.10
N TYR C 362 27.39 24.72 1.23
CA TYR C 362 26.55 25.68 2.00
C TYR C 362 27.49 26.63 2.71
N LEU C 363 27.20 27.93 2.68
CA LEU C 363 28.14 28.89 3.30
C LEU C 363 27.90 28.91 4.79
N THR C 364 28.67 28.13 5.53
CA THR C 364 28.57 28.21 6.99
C THR C 364 29.19 29.49 7.55
N SER C 365 30.34 29.89 7.01
CA SER C 365 31.06 31.02 7.64
C SER C 365 31.61 32.04 6.66
N VAL C 366 31.57 33.32 7.02
CA VAL C 366 32.22 34.36 6.17
C VAL C 366 33.20 35.14 7.05
N MET C 367 34.48 35.17 6.69
CA MET C 367 35.52 35.96 7.40
C MET C 367 35.56 35.59 8.88
N GLY C 368 35.41 34.32 9.21
CA GLY C 368 35.55 33.90 10.61
C GLY C 368 34.29 34.15 11.38
N LYS C 369 33.24 34.62 10.72
CA LYS C 369 31.94 34.77 11.41
C LYS C 369 31.12 33.60 10.91
N ALA C 370 30.65 32.79 11.84
CA ALA C 370 29.96 31.57 11.45
C ALA C 370 28.50 31.69 11.86
N ALA C 371 27.60 31.25 11.00
CA ALA C 371 26.17 31.42 11.29
C ALA C 371 25.76 30.67 12.56
N GLY C 372 24.95 31.33 13.37
CA GLY C 372 24.45 30.76 14.65
C GLY C 372 23.16 30.00 14.51
N GLU C 373 22.62 29.58 15.65
CA GLU C 373 21.31 28.91 15.63
C GLU C 373 20.26 29.88 15.11
N ARG C 374 19.42 29.40 14.20
CA ARG C 374 18.32 30.21 13.59
C ARG C 374 18.91 31.41 12.83
N GLU C 375 20.16 31.31 12.39
CA GLU C 375 20.79 32.35 11.55
C GLU C 375 21.47 31.69 10.35
N PHE C 376 21.44 32.30 9.16
CA PHE C 376 22.19 31.77 7.99
C PHE C 376 22.84 32.90 7.20
N TRP C 377 23.90 32.61 6.44
CA TRP C 377 24.53 33.64 5.58
C TRP C 377 23.80 33.76 4.24
N GLN C 378 22.81 34.64 4.14
CA GLN C 378 21.99 34.81 2.91
C GLN C 378 22.81 35.33 1.74
N LEU C 379 22.53 34.84 0.53
CA LEU C 379 23.22 35.37 -0.67
C LEU C 379 22.20 36.23 -1.41
N LEU C 380 22.61 37.42 -1.84
CA LEU C 380 21.68 38.40 -2.45
C LEU C 380 22.34 39.05 -3.66
N ARG C 381 21.52 39.55 -4.59
CA ARG C 381 22.03 40.26 -5.80
C ARG C 381 21.34 41.63 -5.87
N ASP C 382 22.02 42.63 -6.43
CA ASP C 382 21.35 43.95 -6.59
C ASP C 382 20.17 43.79 -7.54
N PRO C 383 18.99 44.38 -7.25
CA PRO C 383 18.78 45.32 -6.16
C PRO C 383 18.23 44.72 -4.85
N ASN C 384 19.10 44.21 -3.96
CA ASN C 384 18.67 43.60 -2.67
C ASN C 384 17.66 42.48 -2.97
N THR C 385 17.94 41.70 -4.01
CA THR C 385 17.03 40.59 -4.37
C THR C 385 17.73 39.32 -3.91
N PRO C 386 17.09 38.48 -3.07
CA PRO C 386 17.75 37.29 -2.56
C PRO C 386 18.01 36.31 -3.70
N LEU C 387 19.19 35.68 -3.66
CA LEU C 387 19.53 34.67 -4.71
C LEU C 387 18.69 33.41 -4.54
N LEU C 388 18.17 32.87 -5.64
CA LEU C 388 17.35 31.64 -5.64
C LEU C 388 18.24 30.46 -5.98
N GLN C 389 19.54 30.69 -6.12
CA GLN C 389 20.49 29.62 -6.50
C GLN C 389 21.70 29.65 -5.58
N GLY C 390 22.35 28.52 -5.41
CA GLY C 390 23.52 28.39 -4.53
C GLY C 390 24.78 28.95 -5.13
N ILE C 391 25.81 29.10 -4.32
CA ILE C 391 27.06 29.75 -4.80
C ILE C 391 27.65 28.96 -5.96
N ALA C 392 27.69 27.65 -5.87
CA ALA C 392 28.18 26.79 -6.97
C ALA C 392 27.30 26.88 -8.21
N ASP C 393 25.99 26.92 -8.04
CA ASP C 393 25.09 26.88 -9.22
C ASP C 393 24.80 28.26 -9.85
N TYR C 394 25.18 29.37 -9.22
CA TYR C 394 24.82 30.70 -9.75
C TYR C 394 26.03 31.36 -10.38
N ARG C 395 25.87 31.82 -11.62
CA ARG C 395 27.00 32.52 -12.24
C ARG C 395 26.63 34.00 -12.41
N PRO C 396 27.41 34.90 -11.81
CA PRO C 396 27.17 36.32 -11.93
C PRO C 396 27.47 36.95 -13.30
N LYS C 397 26.73 37.99 -13.67
CA LYS C 397 27.00 38.72 -14.93
C LYS C 397 28.03 39.82 -14.67
N ASP C 398 28.81 40.20 -15.69
CA ASP C 398 29.80 41.26 -15.55
C ASP C 398 29.16 42.50 -14.89
N GLY C 399 29.82 43.04 -13.89
CA GLY C 399 29.36 44.26 -13.23
C GLY C 399 28.42 44.01 -12.06
N GLU C 400 28.09 42.75 -11.85
CA GLU C 400 27.19 42.39 -10.75
C GLU C 400 27.84 42.62 -9.39
N THR C 401 27.02 42.88 -8.39
CA THR C 401 27.48 42.94 -7.01
C THR C 401 26.83 41.81 -6.20
N ILE C 402 27.64 40.95 -5.59
CA ILE C 402 27.07 39.85 -4.75
C ILE C 402 27.29 40.16 -3.27
N GLU C 403 26.25 40.03 -2.46
CA GLU C 403 26.34 40.36 -1.02
C GLU C 403 26.10 39.15 -0.16
N LEU C 404 26.96 38.93 0.83
CA LEU C 404 26.72 37.84 1.79
C LEU C 404 26.30 38.52 3.09
N ARG C 405 25.11 38.21 3.59
CA ARG C 405 24.59 38.89 4.79
C ARG C 405 24.24 37.88 5.85
N LEU C 406 24.72 38.06 7.07
CA LEU C 406 24.25 37.17 8.16
C LEU C 406 22.82 37.62 8.50
N VAL C 407 21.86 36.72 8.37
CA VAL C 407 20.43 37.05 8.64
C VAL C 407 19.85 35.98 9.54
N SER C 408 18.73 36.31 10.18
CA SER C 408 18.10 35.36 11.12
C SER C 408 16.78 34.85 10.54
N TRP C 409 16.60 33.54 10.54
CA TRP C 409 15.37 32.91 10.00
C TRP C 409 14.57 32.22 11.10
N SER D 2 39.32 -9.98 -5.74
CA SER D 2 38.25 -9.06 -6.19
C SER D 2 37.66 -8.33 -4.97
N CYS D 3 37.57 -9.00 -3.83
CA CYS D 3 37.09 -8.31 -2.60
C CYS D 3 38.19 -8.38 -1.55
N PRO D 4 38.48 -7.27 -0.85
CA PRO D 4 39.56 -7.22 0.13
C PRO D 4 39.26 -8.15 1.30
N PRO D 5 40.25 -8.62 2.07
CA PRO D 5 40.02 -9.67 3.06
C PRO D 5 38.98 -9.25 4.11
N THR D 6 38.97 -7.99 4.52
CA THR D 6 37.96 -7.50 5.48
C THR D 6 36.56 -7.65 4.87
N LYS D 7 36.39 -7.40 3.59
CA LYS D 7 35.08 -7.50 2.92
C LYS D 7 34.61 -8.95 2.67
N PHE D 8 33.30 -9.23 2.67
CA PHE D 8 32.77 -10.54 2.23
C PHE D 8 32.22 -10.30 0.84
N GLN D 9 32.31 -11.27 -0.06
CA GLN D 9 31.94 -11.02 -1.45
C GLN D 9 30.62 -11.71 -1.75
N CYS D 10 29.60 -10.93 -2.13
CA CYS D 10 28.34 -11.51 -2.57
C CYS D 10 28.60 -12.36 -3.80
N ARG D 11 27.91 -13.49 -3.91
CA ARG D 11 28.19 -14.46 -4.96
C ARG D 11 27.63 -14.05 -6.32
N THR D 12 26.31 -13.96 -6.44
CA THR D 12 25.71 -13.50 -7.68
C THR D 12 26.25 -12.12 -8.03
N SER D 13 25.99 -11.15 -7.16
CA SER D 13 26.25 -9.74 -7.41
C SER D 13 27.73 -9.48 -7.62
N GLY D 14 28.60 -10.11 -6.81
CA GLY D 14 30.02 -9.80 -6.78
C GLY D 14 30.41 -8.71 -5.81
N LEU D 15 29.44 -7.95 -5.30
CA LEU D 15 29.64 -6.78 -4.46
C LEU D 15 30.19 -7.10 -3.07
N CYS D 16 31.02 -6.18 -2.52
CA CYS D 16 31.65 -6.39 -1.21
C CYS D 16 30.85 -5.78 -0.09
N VAL D 17 30.70 -6.54 0.99
CA VAL D 17 29.88 -6.11 2.11
C VAL D 17 30.75 -6.35 3.32
N PRO D 18 30.62 -5.57 4.39
CA PRO D 18 31.49 -5.77 5.55
C PRO D 18 31.38 -7.20 6.04
N LEU D 19 32.51 -7.73 6.49
CA LEU D 19 32.60 -9.13 6.93
C LEU D 19 31.66 -9.41 8.12
N THR D 20 31.37 -8.39 8.93
CA THR D 20 30.36 -8.56 9.98
C THR D 20 29.01 -8.99 9.44
N TRP D 21 28.61 -8.53 8.25
CA TRP D 21 27.30 -8.90 7.72
C TRP D 21 27.19 -10.36 7.27
N ARG D 22 28.31 -11.06 7.29
CA ARG D 22 28.32 -12.51 6.99
C ARG D 22 27.82 -13.21 8.24
N CYS D 23 26.67 -13.86 8.18
CA CYS D 23 26.05 -14.51 9.37
C CYS D 23 25.60 -13.44 10.39
N ASP D 24 24.99 -12.35 9.94
CA ASP D 24 24.41 -11.32 10.85
C ASP D 24 22.90 -11.52 10.98
N ARG D 25 22.34 -12.51 10.29
CA ARG D 25 20.89 -12.86 10.33
C ARG D 25 20.10 -11.95 9.39
N ASP D 26 20.80 -11.08 8.65
CA ASP D 26 20.15 -10.15 7.70
C ASP D 26 20.67 -10.50 6.32
N LEU D 27 19.75 -10.66 5.38
CA LEU D 27 20.12 -10.98 3.99
C LEU D 27 20.55 -9.68 3.32
N ASP D 28 21.84 -9.39 3.35
CA ASP D 28 22.39 -8.18 2.75
C ASP D 28 22.73 -8.36 1.28
N CYS D 29 23.08 -9.57 0.86
CA CYS D 29 23.25 -9.85 -0.55
C CYS D 29 21.92 -10.18 -1.22
N SER D 30 21.87 -9.93 -2.52
CA SER D 30 20.64 -10.11 -3.27
C SER D 30 20.25 -11.58 -3.32
N ASP D 31 21.25 -12.45 -3.48
CA ASP D 31 21.12 -13.90 -3.52
C ASP D 31 21.04 -14.54 -2.14
N GLY D 32 21.32 -13.80 -1.08
CA GLY D 32 21.35 -14.38 0.25
C GLY D 32 22.59 -15.18 0.55
N SER D 33 23.59 -15.11 -0.31
CA SER D 33 24.83 -15.84 -0.07
C SER D 33 25.48 -15.43 1.22
N ASP D 34 25.09 -14.31 1.80
CA ASP D 34 25.79 -13.84 3.03
C ASP D 34 25.31 -14.70 4.19
N GLU D 35 24.07 -15.14 4.14
CA GLU D 35 23.48 -15.95 5.21
C GLU D 35 23.56 -17.45 4.89
N GLU D 36 24.14 -17.82 3.75
CA GLU D 36 24.29 -19.25 3.37
C GLU D 36 25.28 -19.96 4.28
N GLU D 37 24.99 -21.22 4.62
CA GLU D 37 25.90 -22.04 5.44
C GLU D 37 26.22 -21.37 6.77
N CYS D 38 25.24 -20.72 7.39
CA CYS D 38 25.53 -19.98 8.65
C CYS D 38 24.91 -20.78 9.77
N ARG D 39 25.71 -21.15 10.78
CA ARG D 39 25.19 -21.97 11.91
C ARG D 39 24.20 -21.15 12.71
N ILE D 40 23.12 -21.79 13.17
CA ILE D 40 22.06 -21.04 13.89
C ILE D 40 21.75 -21.76 15.20
N GLU D 41 22.06 -21.15 16.34
CA GLU D 41 21.83 -21.78 17.66
C GLU D 41 20.33 -21.81 17.94
N PRO D 42 19.85 -22.52 18.98
CA PRO D 42 18.44 -22.48 19.33
C PRO D 42 18.02 -21.37 20.30
N CYS D 43 16.75 -20.93 20.24
CA CYS D 43 16.20 -19.88 21.14
C CYS D 43 16.61 -18.46 20.73
N THR D 44 17.91 -18.16 20.71
CA THR D 44 18.34 -16.75 20.45
C THR D 44 18.31 -16.40 18.97
N GLN D 45 17.72 -15.24 18.64
CA GLN D 45 17.69 -14.80 17.23
C GLN D 45 17.13 -15.92 16.36
N LYS D 46 15.92 -16.38 16.66
CA LYS D 46 15.30 -17.50 15.90
C LYS D 46 14.08 -18.02 16.67
N SER D 77 25.84 5.33 40.26
CA SER D 77 26.55 5.55 39.00
C SER D 77 25.88 4.88 37.78
N ARG D 78 24.56 5.10 37.62
CA ARG D 78 23.76 4.59 36.51
C ARG D 78 22.95 5.75 35.89
N LEU D 79 22.64 5.63 34.58
CA LEU D 79 22.14 6.73 33.72
C LEU D 79 20.60 6.76 33.64
N ALA D 80 19.98 7.66 34.40
CA ALA D 80 18.51 7.73 34.52
C ALA D 80 17.82 8.20 33.23
N CYS D 81 16.61 7.70 33.01
CA CYS D 81 15.86 8.05 31.78
C CYS D 81 15.15 9.38 31.99
N LEU D 82 14.79 10.04 30.90
CA LEU D 82 14.04 11.31 30.97
C LEU D 82 12.59 11.04 31.36
N ALA D 83 11.89 12.06 31.82
CA ALA D 83 10.45 11.91 32.13
C ALA D 83 9.67 11.57 30.87
N GLY D 84 8.65 10.73 31.00
CA GLY D 84 7.86 10.33 29.82
C GLY D 84 8.55 9.24 29.04
N GLU D 85 9.60 8.67 29.61
CA GLU D 85 10.36 7.62 28.91
C GLU D 85 10.27 6.31 29.69
N LEU D 86 10.00 5.21 29.00
CA LEU D 86 9.98 3.87 29.63
C LEU D 86 11.35 3.23 29.39
N ARG D 87 11.86 2.45 30.34
CA ARG D 87 13.22 1.90 30.20
C ARG D 87 13.09 0.59 29.44
N CYS D 88 13.90 0.41 28.40
CA CYS D 88 13.89 -0.91 27.74
C CYS D 88 14.44 -1.89 28.77
N THR D 89 13.77 -3.03 28.93
CA THR D 89 14.23 -3.98 29.98
C THR D 89 15.52 -4.65 29.50
N LEU D 90 16.53 -4.69 30.34
CA LEU D 90 17.78 -5.46 30.06
C LEU D 90 18.68 -4.72 29.08
N SER D 91 18.33 -3.51 28.66
CA SER D 91 19.18 -2.87 27.64
C SER D 91 19.82 -1.59 28.15
N ASP D 92 19.14 -0.91 29.09
CA ASP D 92 19.59 0.40 29.64
C ASP D 92 19.17 1.46 28.63
N ASP D 93 18.57 1.04 27.51
CA ASP D 93 18.04 1.97 26.49
C ASP D 93 16.75 2.58 27.02
N CYS D 94 16.44 3.80 26.61
CA CYS D 94 15.13 4.37 27.00
C CYS D 94 14.34 4.66 25.72
N ILE D 95 13.02 4.60 25.80
CA ILE D 95 12.16 4.91 24.63
C ILE D 95 10.98 5.75 25.06
N PRO D 96 10.55 6.78 24.31
CA PRO D 96 9.31 7.50 24.64
C PRO D 96 8.17 6.56 24.97
N LEU D 97 7.37 6.94 25.96
CA LEU D 97 6.25 6.11 26.34
C LEU D 97 5.27 5.90 25.18
N THR D 98 5.25 6.82 24.22
CA THR D 98 4.43 6.63 23.04
C THR D 98 4.96 5.56 22.07
N TRP D 99 6.22 5.14 22.18
CA TRP D 99 6.69 4.05 21.35
C TRP D 99 6.22 2.67 21.87
N ARG D 100 5.51 2.62 22.99
CA ARG D 100 4.92 1.39 23.46
C ARG D 100 3.77 0.97 22.51
N CYS D 101 3.86 -0.24 21.98
CA CYS D 101 2.81 -0.84 21.13
C CYS D 101 2.41 0.03 19.95
N ASP D 102 3.41 0.54 19.23
CA ASP D 102 3.26 1.26 17.97
C ASP D 102 3.53 0.40 16.74
N GLY D 103 3.82 -0.90 16.92
CA GLY D 103 4.04 -1.84 15.83
C GLY D 103 5.49 -2.06 15.40
N HIS D 104 6.46 -1.45 16.08
CA HIS D 104 7.86 -1.58 15.72
C HIS D 104 8.67 -1.84 16.97
N PRO D 105 9.53 -2.86 16.96
CA PRO D 105 10.44 -3.10 18.09
C PRO D 105 11.48 -2.01 18.26
N ASP D 106 11.31 -1.13 19.24
CA ASP D 106 12.30 -0.09 19.41
C ASP D 106 13.36 -0.42 20.44
N CYS D 107 13.13 -1.47 21.23
CA CYS D 107 14.06 -2.04 22.20
C CYS D 107 14.75 -3.24 21.61
N PRO D 108 16.08 -3.46 21.82
CA PRO D 108 16.71 -4.67 21.30
C PRO D 108 15.87 -5.80 21.88
N ASP D 109 15.45 -5.60 23.10
CA ASP D 109 14.55 -6.49 23.82
C ASP D 109 13.30 -6.84 23.01
N SER D 110 12.72 -5.86 22.31
CA SER D 110 11.33 -5.88 21.83
C SER D 110 10.32 -5.82 22.97
N SER D 111 10.77 -5.43 24.19
CA SER D 111 9.87 -5.36 25.33
C SER D 111 8.77 -4.34 25.13
N ASP D 112 8.92 -3.41 24.17
CA ASP D 112 7.91 -2.39 23.91
C ASP D 112 6.72 -2.93 23.11
N GLU D 113 6.85 -4.10 22.46
CA GLU D 113 5.81 -4.64 21.58
C GLU D 113 5.37 -6.04 22.03
N LEU D 114 5.43 -6.28 23.34
CA LEU D 114 5.08 -7.57 23.92
C LEU D 114 3.98 -7.32 24.92
N GLY D 115 2.85 -7.98 24.74
CA GLY D 115 1.71 -7.76 25.61
C GLY D 115 0.84 -6.65 25.04
N CYS D 116 0.62 -6.71 23.73
CA CYS D 116 -0.27 -5.70 23.11
C CYS D 116 -1.54 -6.44 22.64
N GLY D 117 -1.70 -7.70 23.01
CA GLY D 117 -2.83 -8.55 22.58
C GLY D 117 -4.28 -8.31 22.97
N LEU E 2 8.00 -17.67 -20.93
CA LEU E 2 9.19 -17.18 -20.19
C LEU E 2 10.35 -18.13 -20.42
N GLN E 3 11.53 -17.60 -20.64
CA GLN E 3 12.69 -18.44 -20.90
C GLN E 3 13.47 -18.71 -19.62
N LEU E 4 13.92 -19.96 -19.45
CA LEU E 4 14.75 -20.39 -18.34
C LEU E 4 16.00 -21.09 -18.86
N VAL E 5 17.16 -20.59 -18.44
CA VAL E 5 18.46 -21.13 -18.96
C VAL E 5 19.32 -21.63 -17.80
N GLU E 6 19.51 -22.95 -17.70
CA GLU E 6 20.30 -23.57 -16.62
C GLU E 6 21.82 -23.47 -16.86
N SER E 7 22.61 -23.68 -15.82
CA SER E 7 24.09 -23.57 -15.90
C SER E 7 24.76 -24.42 -14.81
N GLY E 8 26.06 -24.72 -14.97
CA GLY E 8 26.82 -25.50 -13.96
C GLY E 8 26.60 -26.99 -14.06
N GLY E 9 27.03 -27.77 -13.08
CA GLY E 9 26.70 -29.22 -13.03
C GLY E 9 27.41 -30.24 -13.92
N GLY E 10 28.70 -30.56 -13.72
CA GLY E 10 29.30 -31.69 -14.46
C GLY E 10 30.23 -32.68 -13.74
N LEU E 11 30.01 -34.00 -13.85
CA LEU E 11 31.02 -35.03 -13.42
C LEU E 11 31.65 -34.92 -12.02
N VAL E 12 30.91 -35.18 -10.94
CA VAL E 12 31.52 -34.98 -9.61
C VAL E 12 31.71 -36.31 -8.88
N GLN E 13 32.74 -36.40 -8.02
CA GLN E 13 32.89 -37.62 -7.19
C GLN E 13 31.86 -37.53 -6.06
N ALA E 14 31.38 -38.66 -5.57
CA ALA E 14 30.45 -38.64 -4.42
C ALA E 14 31.04 -37.79 -3.28
N GLY E 15 30.19 -37.02 -2.59
CA GLY E 15 30.66 -36.12 -1.53
C GLY E 15 31.26 -34.81 -2.03
N GLY E 16 31.07 -34.44 -3.29
CA GLY E 16 29.85 -33.67 -3.66
C GLY E 16 30.10 -32.23 -4.08
N SER E 17 29.42 -31.28 -3.45
CA SER E 17 29.58 -29.82 -3.74
C SER E 17 29.30 -29.33 -5.18
N LEU E 18 28.24 -29.77 -5.85
CA LEU E 18 27.84 -29.14 -7.16
C LEU E 18 26.81 -28.02 -6.94
N ARG E 19 27.01 -26.77 -7.42
CA ARG E 19 26.21 -25.54 -7.10
C ARG E 19 24.95 -25.33 -7.96
N LEU E 20 24.98 -25.41 -9.28
CA LEU E 20 23.79 -25.37 -10.21
C LEU E 20 23.30 -23.91 -10.38
N SER E 21 22.61 -23.58 -11.48
CA SER E 21 22.00 -22.23 -11.63
C SER E 21 20.89 -22.20 -12.68
N CYS E 22 19.93 -21.30 -12.55
CA CYS E 22 18.92 -21.08 -13.61
C CYS E 22 18.57 -19.60 -13.61
N THR E 23 18.58 -18.97 -14.77
CA THR E 23 18.22 -17.54 -14.87
C THR E 23 16.97 -17.45 -15.74
N ALA E 24 16.16 -16.45 -15.50
CA ALA E 24 14.89 -16.36 -16.22
C ALA E 24 14.77 -15.01 -16.88
N SER E 25 14.07 -14.97 -18.00
CA SER E 25 13.88 -13.72 -18.75
C SER E 25 13.11 -12.73 -17.89
N GLY E 26 12.13 -13.21 -17.15
CA GLY E 26 11.20 -12.33 -16.41
C GLY E 26 10.90 -12.79 -15.01
N ARG E 27 10.30 -11.92 -14.21
CA ARG E 27 9.89 -12.30 -12.84
C ARG E 27 8.86 -13.41 -12.94
N THR E 28 8.96 -14.37 -12.04
CA THR E 28 8.05 -15.53 -12.03
C THR E 28 7.54 -15.73 -10.61
N GLY E 29 6.44 -16.44 -10.41
CA GLY E 29 5.97 -16.68 -9.04
C GLY E 29 6.81 -17.72 -8.35
N THR E 30 6.56 -18.98 -8.67
CA THR E 30 7.28 -20.09 -8.03
C THR E 30 8.34 -20.61 -8.96
N MET E 31 9.56 -20.80 -8.49
CA MET E 31 10.58 -21.44 -9.31
C MET E 31 11.09 -22.68 -8.58
N GLY E 32 11.30 -23.75 -9.34
CA GLY E 32 11.65 -25.01 -8.74
C GLY E 32 12.62 -25.77 -9.60
N TRP E 33 13.11 -26.85 -8.99
CA TRP E 33 14.06 -27.73 -9.68
C TRP E 33 13.51 -29.15 -9.65
N PHE E 34 13.66 -29.86 -10.78
CA PHE E 34 13.14 -31.25 -10.93
C PHE E 34 14.25 -32.12 -11.52
N ARG E 35 14.41 -33.35 -11.03
CA ARG E 35 15.47 -34.25 -11.57
C ARG E 35 14.81 -35.42 -12.30
N GLN E 36 15.35 -35.79 -13.46
CA GLN E 36 14.80 -36.99 -14.14
C GLN E 36 15.87 -38.08 -14.15
N GLY E 37 15.58 -39.23 -13.53
CA GLY E 37 16.50 -40.38 -13.64
C GLY E 37 16.40 -40.87 -15.06
N PRO E 38 17.48 -41.34 -15.73
CA PRO E 38 17.33 -41.70 -17.14
C PRO E 38 16.32 -42.85 -17.23
N GLY E 39 15.34 -42.72 -18.12
CA GLY E 39 14.33 -43.78 -18.31
C GLY E 39 13.25 -43.79 -17.25
N LYS E 40 13.22 -42.81 -16.32
CA LYS E 40 12.23 -42.90 -15.22
C LYS E 40 11.46 -41.60 -14.99
N GLU E 41 10.58 -41.22 -15.92
CA GLU E 41 9.70 -40.02 -15.75
C GLU E 41 10.49 -38.81 -15.24
N ARG E 42 9.94 -38.09 -14.25
CA ARG E 42 10.65 -36.93 -13.64
C ARG E 42 10.29 -36.89 -12.15
N GLU E 43 11.15 -36.33 -11.31
CA GLU E 43 10.91 -36.29 -9.84
C GLU E 43 11.05 -34.86 -9.35
N PHE E 44 10.23 -34.45 -8.37
CA PHE E 44 10.31 -33.07 -7.82
C PHE E 44 11.59 -32.97 -6.96
N VAL E 45 12.26 -31.81 -6.96
CA VAL E 45 13.45 -31.69 -6.10
C VAL E 45 13.24 -30.57 -5.07
N ALA E 46 12.99 -29.35 -5.53
CA ALA E 46 12.79 -28.27 -4.56
C ALA E 46 12.14 -27.03 -5.19
N SER E 47 11.27 -26.38 -4.44
CA SER E 47 10.68 -25.11 -4.84
C SER E 47 11.32 -23.99 -4.04
N HIS E 48 11.00 -22.77 -4.46
CA HIS E 48 11.38 -21.53 -3.73
C HIS E 48 10.46 -20.45 -4.28
N LYS E 49 9.43 -20.06 -3.53
CA LYS E 49 8.55 -18.95 -3.95
C LYS E 49 9.19 -17.61 -3.59
N TRP E 50 8.49 -16.50 -3.73
CA TRP E 50 9.13 -15.16 -3.58
C TRP E 50 9.69 -14.77 -2.22
N VAL E 51 9.01 -15.09 -1.14
CA VAL E 51 9.42 -14.49 0.14
C VAL E 51 10.24 -15.37 1.06
N ALA E 52 11.44 -14.92 1.43
CA ALA E 52 12.17 -15.55 2.53
C ALA E 52 12.34 -17.04 2.35
N GLY E 53 12.03 -17.81 3.40
CA GLY E 53 12.14 -19.26 3.33
C GLY E 53 10.90 -19.86 2.77
N SER E 54 10.61 -19.58 1.52
CA SER E 54 9.47 -20.21 0.84
C SER E 54 10.12 -21.42 0.20
N THR E 55 10.91 -22.13 0.99
CA THR E 55 11.75 -23.21 0.45
C THR E 55 11.02 -24.51 0.69
N TYR E 56 10.82 -25.27 -0.38
CA TYR E 56 10.23 -26.60 -0.21
C TYR E 56 11.18 -27.68 -0.74
N TYR E 57 11.37 -28.78 0.01
CA TYR E 57 12.35 -29.80 -0.35
C TYR E 57 11.71 -31.18 -0.46
N ALA E 58 12.13 -31.97 -1.46
CA ALA E 58 11.79 -33.40 -1.45
C ALA E 58 12.64 -34.14 -0.42
N ASP E 59 12.05 -35.10 0.29
CA ASP E 59 12.74 -35.75 1.44
C ASP E 59 14.10 -36.35 1.07
N SER E 60 14.30 -36.70 -0.18
CA SER E 60 15.58 -37.26 -0.65
C SER E 60 16.72 -36.27 -0.47
N VAL E 61 16.49 -35.00 -0.79
CA VAL E 61 17.59 -33.98 -0.76
C VAL E 61 17.68 -33.22 0.55
N LYS E 62 16.81 -33.45 1.52
CA LYS E 62 16.88 -32.60 2.75
C LYS E 62 18.23 -32.84 3.43
N GLY E 63 18.89 -31.79 3.90
CA GLY E 63 20.23 -31.88 4.51
C GLY E 63 21.36 -31.74 3.51
N ARG E 64 21.09 -31.74 2.20
CA ARG E 64 22.09 -31.40 1.13
C ARG E 64 21.48 -30.12 0.64
N PHE E 65 20.39 -30.17 -0.13
CA PHE E 65 19.44 -29.04 -0.28
C PHE E 65 19.96 -27.64 -0.66
N THR E 66 19.59 -26.65 0.14
CA THR E 66 19.90 -25.22 -0.06
C THR E 66 19.40 -24.59 -1.38
N ILE E 67 18.10 -24.73 -1.70
CA ILE E 67 17.52 -23.90 -2.80
C ILE E 67 17.57 -22.43 -2.36
N SER E 68 17.97 -21.53 -3.26
CA SER E 68 18.10 -20.08 -2.96
C SER E 68 17.54 -19.29 -4.16
N ARG E 69 17.15 -18.03 -3.96
CA ARG E 69 16.55 -17.23 -5.06
C ARG E 69 16.94 -15.78 -4.99
N ASP E 70 17.50 -15.25 -6.07
CA ASP E 70 17.78 -13.82 -6.19
C ASP E 70 16.60 -13.24 -6.93
N ASN E 71 15.73 -12.54 -6.19
CA ASN E 71 14.58 -11.88 -6.79
C ASN E 71 14.97 -10.71 -7.68
N ALA E 72 16.06 -10.02 -7.37
CA ALA E 72 16.51 -8.90 -8.20
C ALA E 72 16.87 -9.38 -9.60
N LYS E 73 17.53 -10.53 -9.68
CA LYS E 73 18.13 -11.04 -10.91
C LYS E 73 17.40 -12.28 -11.41
N ASN E 74 16.17 -12.47 -10.97
CA ASN E 74 15.34 -13.59 -11.48
C ASN E 74 16.16 -14.88 -11.58
N THR E 75 16.98 -15.22 -10.58
CA THR E 75 17.81 -16.39 -10.76
C THR E 75 17.78 -17.25 -9.51
N LEU E 76 17.46 -18.54 -9.68
CA LEU E 76 17.49 -19.49 -8.54
C LEU E 76 18.74 -20.36 -8.57
N TYR E 77 19.05 -21.05 -7.48
CA TYR E 77 20.27 -21.91 -7.35
C TYR E 77 20.04 -23.14 -6.48
N LEU E 78 20.77 -24.26 -6.69
CA LEU E 78 20.70 -25.44 -5.78
C LEU E 78 22.11 -25.86 -5.34
N GLN E 79 22.45 -25.74 -4.06
CA GLN E 79 23.86 -26.01 -3.59
C GLN E 79 24.27 -27.47 -3.78
N MET E 80 23.36 -28.41 -3.62
CA MET E 80 23.62 -29.85 -3.85
C MET E 80 24.97 -30.33 -3.30
N ASN E 81 25.19 -30.23 -1.99
CA ASN E 81 26.37 -30.79 -1.28
C ASN E 81 26.14 -32.28 -1.00
N SER E 82 27.18 -33.06 -0.64
CA SER E 82 27.03 -34.48 -0.23
C SER E 82 26.36 -35.39 -1.27
N LEU E 83 26.73 -35.31 -2.54
CA LEU E 83 26.06 -36.05 -3.63
C LEU E 83 26.23 -37.59 -3.61
N LYS E 84 25.23 -38.35 -4.12
CA LYS E 84 25.22 -39.85 -4.09
C LYS E 84 24.84 -40.50 -5.46
N SER E 85 24.75 -41.84 -5.56
CA SER E 85 24.36 -42.50 -6.80
C SER E 85 23.08 -41.94 -7.39
N GLU E 86 22.01 -41.83 -6.58
CA GLU E 86 20.70 -41.47 -7.13
C GLU E 86 20.68 -40.04 -7.64
N ASP E 87 21.62 -39.23 -7.16
CA ASP E 87 21.62 -37.81 -7.59
C ASP E 87 21.99 -37.73 -9.07
N THR E 88 22.61 -38.76 -9.65
CA THR E 88 22.81 -38.78 -11.11
C THR E 88 21.46 -38.68 -11.79
N ALA E 89 21.28 -37.62 -12.57
CA ALA E 89 20.03 -37.34 -13.27
C ALA E 89 20.24 -36.07 -14.08
N VAL E 90 19.24 -35.77 -14.92
CA VAL E 90 19.13 -34.46 -15.54
C VAL E 90 18.33 -33.56 -14.62
N TYR E 91 18.87 -32.38 -14.30
CA TYR E 91 18.20 -31.41 -13.46
C TYR E 91 17.59 -30.30 -14.32
N TYR E 92 16.27 -30.19 -14.27
CA TYR E 92 15.53 -29.16 -15.00
C TYR E 92 15.04 -28.04 -14.06
N CYS E 93 15.25 -26.82 -14.48
CA CYS E 93 14.66 -25.65 -13.86
C CYS E 93 13.22 -25.47 -14.35
N ALA E 94 12.36 -24.94 -13.50
CA ALA E 94 10.97 -24.74 -13.91
C ALA E 94 10.37 -23.52 -13.21
N ALA E 95 9.33 -22.97 -13.83
CA ALA E 95 8.70 -21.73 -13.31
C ALA E 95 7.21 -21.64 -13.60
N SER E 96 6.46 -20.97 -12.75
CA SER E 96 5.02 -20.69 -12.98
C SER E 96 4.67 -19.36 -12.35
N SER E 97 3.82 -18.61 -13.03
CA SER E 97 3.51 -17.20 -12.64
C SER E 97 2.57 -17.14 -11.48
N GLN E 98 2.23 -18.29 -10.94
CA GLN E 98 1.22 -18.32 -9.89
C GLN E 98 1.86 -18.83 -8.61
N ILE E 99 1.62 -18.15 -7.50
CA ILE E 99 2.11 -18.64 -6.19
C ILE E 99 0.90 -19.30 -5.58
N PHE E 100 1.04 -20.57 -5.20
CA PHE E 100 -0.11 -21.33 -4.67
C PHE E 100 0.11 -21.69 -3.21
N TYR E 101 -0.67 -22.65 -2.72
CA TYR E 101 -0.60 -23.07 -1.30
C TYR E 101 0.39 -24.22 -1.05
N GLY E 102 1.66 -24.00 -1.27
CA GLY E 102 2.71 -24.92 -0.82
C GLY E 102 2.99 -26.03 -1.76
N ALA E 103 4.22 -26.52 -1.82
CA ALA E 103 4.44 -27.84 -2.44
C ALA E 103 3.78 -28.10 -3.79
N THR E 104 4.01 -27.33 -4.82
CA THR E 104 3.25 -27.73 -6.04
C THR E 104 3.71 -29.14 -6.40
N THR E 105 4.99 -29.49 -6.35
CA THR E 105 5.49 -30.91 -6.44
C THR E 105 5.30 -31.55 -7.79
N SER E 106 4.07 -31.66 -8.25
CA SER E 106 3.82 -32.37 -9.52
C SER E 106 4.30 -31.54 -10.69
N ILE E 107 4.57 -32.19 -11.81
CA ILE E 107 4.81 -31.43 -13.07
C ILE E 107 3.44 -30.86 -13.39
N LYS E 108 3.21 -30.28 -14.55
CA LYS E 108 1.84 -29.90 -14.88
C LYS E 108 1.47 -28.64 -14.11
N ASP E 109 2.01 -28.47 -12.91
CA ASP E 109 1.82 -27.22 -12.22
C ASP E 109 2.85 -26.17 -12.64
N PHE E 110 3.77 -26.51 -13.52
CA PHE E 110 4.81 -25.61 -13.96
C PHE E 110 4.73 -25.51 -15.48
N ASN E 111 4.65 -24.27 -15.99
CA ASN E 111 4.45 -24.01 -17.41
C ASN E 111 5.76 -23.84 -18.15
N SER E 112 6.81 -23.38 -17.51
CA SER E 112 8.03 -23.06 -18.23
C SER E 112 9.14 -23.96 -17.70
N TRP E 113 9.92 -24.53 -18.64
CA TRP E 113 10.98 -25.48 -18.37
C TRP E 113 12.23 -25.10 -19.15
N GLY E 114 13.39 -25.45 -18.56
CA GLY E 114 14.67 -25.36 -19.22
C GLY E 114 15.03 -26.64 -19.97
N LYS E 115 16.22 -26.62 -20.54
CA LYS E 115 16.70 -27.79 -21.27
C LYS E 115 17.36 -28.80 -20.36
N GLY E 116 17.86 -28.33 -19.23
CA GLY E 116 18.38 -29.20 -18.20
C GLY E 116 19.89 -29.17 -18.18
N THR E 117 20.45 -29.31 -16.99
CA THR E 117 21.83 -29.71 -16.84
C THR E 117 21.84 -31.14 -16.32
N ARG E 118 22.56 -32.03 -16.99
CA ARG E 118 22.82 -33.36 -16.46
C ARG E 118 23.92 -33.25 -15.44
N VAL E 119 23.71 -34.01 -14.35
CA VAL E 119 24.71 -34.16 -13.25
C VAL E 119 24.96 -35.68 -13.19
N THR E 120 26.22 -36.05 -12.93
CA THR E 120 26.63 -37.47 -12.82
C THR E 120 27.63 -37.60 -11.67
N VAL E 121 27.43 -38.60 -10.80
CA VAL E 121 28.28 -38.81 -9.59
C VAL E 121 29.07 -40.12 -9.75
N SER E 122 30.35 -40.14 -9.35
CA SER E 122 31.22 -41.30 -9.64
C SER E 122 31.49 -42.12 -8.37
N SER E 123 31.30 -43.44 -8.43
CA SER E 123 31.48 -44.36 -7.28
C SER E 123 32.90 -44.47 -6.71
N HIS E 124 33.93 -44.53 -7.56
CA HIS E 124 35.32 -44.77 -7.06
C HIS E 124 35.67 -43.85 -5.88
N LEU F 2 12.56 48.93 -6.87
CA LEU F 2 11.09 49.15 -7.00
C LEU F 2 10.69 50.28 -6.05
N GLN F 3 9.71 51.07 -6.47
CA GLN F 3 9.29 52.25 -5.68
C GLN F 3 7.81 52.11 -5.39
N LEU F 4 7.45 52.29 -4.13
CA LEU F 4 6.03 52.21 -3.74
C LEU F 4 5.63 53.58 -3.22
N VAL F 5 4.54 54.12 -3.75
CA VAL F 5 4.05 55.45 -3.32
C VAL F 5 2.64 55.29 -2.81
N GLU F 6 2.34 55.81 -1.61
CA GLU F 6 1.00 55.68 -0.98
C GLU F 6 0.20 56.95 -1.14
N SER F 7 -1.03 56.84 -1.61
CA SER F 7 -1.93 58.00 -1.68
C SER F 7 -3.13 57.65 -0.80
N GLY F 8 -3.40 58.43 0.24
CA GLY F 8 -4.46 58.07 1.20
C GLY F 8 -4.97 59.22 1.99
N GLY F 9 -6.16 59.14 2.59
CA GLY F 9 -6.75 60.34 3.21
C GLY F 9 -6.63 60.47 4.71
N GLY F 10 -6.02 61.54 5.19
CA GLY F 10 -5.75 61.72 6.62
C GLY F 10 -6.85 61.88 7.66
N LEU F 11 -7.88 62.69 7.47
CA LEU F 11 -8.80 62.94 8.60
C LEU F 11 -10.19 62.36 8.39
N VAL F 12 -10.63 61.55 9.35
CA VAL F 12 -11.99 60.94 9.29
C VAL F 12 -12.66 61.11 10.64
N GLN F 13 -13.99 61.29 10.68
CA GLN F 13 -14.68 61.40 11.99
C GLN F 13 -15.35 60.08 12.33
N ALA F 14 -14.61 58.97 12.32
CA ALA F 14 -15.14 57.67 12.78
C ALA F 14 -16.14 57.18 11.75
N GLY F 15 -16.79 56.06 11.98
CA GLY F 15 -17.85 55.65 11.05
C GLY F 15 -17.43 55.52 9.60
N GLY F 16 -16.23 55.03 9.30
CA GLY F 16 -15.88 54.66 7.91
C GLY F 16 -15.43 55.73 6.94
N SER F 17 -15.41 55.40 5.64
CA SER F 17 -15.06 56.36 4.55
C SER F 17 -13.60 56.48 4.12
N LEU F 18 -12.68 55.63 4.52
CA LEU F 18 -11.30 55.85 4.00
C LEU F 18 -10.85 54.76 3.04
N ARG F 19 -10.26 55.16 1.91
CA ARG F 19 -9.66 54.20 0.96
C ARG F 19 -8.23 54.66 0.68
N LEU F 20 -7.27 53.77 0.87
CA LEU F 20 -5.87 54.14 0.53
C LEU F 20 -5.45 53.47 -0.78
N SER F 21 -4.37 53.94 -1.39
CA SER F 21 -3.81 53.35 -2.63
C SER F 21 -2.31 53.26 -2.53
N CYS F 22 -1.71 52.30 -3.21
CA CYS F 22 -0.24 52.22 -3.30
C CYS F 22 0.13 51.73 -4.68
N THR F 23 0.80 52.58 -5.47
CA THR F 23 1.21 52.23 -6.86
C THR F 23 2.66 51.78 -6.83
N ALA F 24 3.06 50.99 -7.83
CA ALA F 24 4.41 50.38 -7.80
C ALA F 24 5.20 50.68 -9.06
N SER F 25 6.51 50.80 -8.91
CA SER F 25 7.39 51.20 -10.04
C SER F 25 7.28 50.17 -11.13
N GLY F 26 7.27 48.92 -10.71
CA GLY F 26 6.80 47.87 -11.59
C GLY F 26 6.20 46.73 -10.84
N ARG F 27 6.16 45.59 -11.48
CA ARG F 27 5.55 44.36 -10.89
C ARG F 27 6.27 43.81 -9.67
N THR F 28 5.52 43.35 -8.67
CA THR F 28 6.09 42.72 -7.45
C THR F 28 5.18 41.54 -7.07
N GLY F 29 5.77 40.45 -6.57
CA GLY F 29 4.96 39.26 -6.22
C GLY F 29 3.92 39.38 -5.12
N THR F 30 4.25 40.00 -3.99
CA THR F 30 3.26 40.04 -2.88
C THR F 30 3.30 41.45 -2.31
N MET F 31 2.13 41.97 -1.99
CA MET F 31 2.01 43.38 -1.59
C MET F 31 1.14 43.46 -0.37
N GLY F 32 1.57 44.21 0.63
CA GLY F 32 0.70 44.38 1.78
C GLY F 32 0.73 45.77 2.38
N TRP F 33 -0.08 45.91 3.44
CA TRP F 33 -0.27 47.09 4.27
C TRP F 33 0.11 46.82 5.72
N PHE F 34 0.84 47.79 6.26
CA PHE F 34 1.23 47.78 7.68
C PHE F 34 0.84 49.14 8.26
N ARG F 35 0.93 49.30 9.56
CA ARG F 35 0.57 50.56 10.26
C ARG F 35 1.38 50.69 11.55
N GLN F 36 1.93 51.87 11.83
CA GLN F 36 2.62 52.05 13.13
C GLN F 36 1.58 52.51 14.14
N GLY F 37 0.65 51.61 14.50
CA GLY F 37 -0.43 51.89 15.47
C GLY F 37 -1.00 50.56 15.98
N PRO F 38 -1.76 50.45 17.09
CA PRO F 38 -1.88 51.49 18.13
C PRO F 38 -0.79 51.44 19.21
N GLY F 39 -0.06 52.55 19.37
CA GLY F 39 0.98 52.64 20.41
C GLY F 39 2.03 51.57 20.29
N LYS F 40 2.43 51.22 19.06
CA LYS F 40 3.35 50.07 18.88
C LYS F 40 4.15 50.15 17.58
N GLU F 41 5.13 49.26 17.40
CA GLU F 41 5.94 49.18 16.17
C GLU F 41 5.05 48.84 14.95
N ARG F 42 5.65 48.65 13.79
CA ARG F 42 4.81 48.44 12.58
C ARG F 42 4.02 47.15 12.74
N GLU F 43 2.74 47.16 12.39
CA GLU F 43 1.87 45.99 12.61
C GLU F 43 1.27 45.56 11.29
N PHE F 44 1.31 44.26 10.99
CA PHE F 44 0.71 43.74 9.76
C PHE F 44 -0.75 44.13 9.72
N VAL F 45 -1.18 44.63 8.56
CA VAL F 45 -2.59 44.93 8.38
C VAL F 45 -3.19 43.94 7.38
N ALA F 46 -2.62 43.84 6.19
CA ALA F 46 -3.22 42.95 5.17
C ALA F 46 -2.21 42.64 4.08
N SER F 47 -2.38 41.49 3.42
CA SER F 47 -1.49 41.09 2.31
C SER F 47 -2.32 40.58 1.13
N HIS F 48 -1.82 40.77 -0.08
CA HIS F 48 -2.47 40.25 -1.30
C HIS F 48 -1.38 39.72 -2.22
N LYS F 49 -1.75 38.89 -3.19
CA LYS F 49 -0.77 38.31 -4.14
C LYS F 49 -1.35 38.39 -5.55
N TRP F 50 -0.64 37.89 -6.56
CA TRP F 50 -1.09 38.05 -7.97
C TRP F 50 -2.42 37.40 -8.21
N VAL F 51 -2.65 36.29 -7.57
CA VAL F 51 -3.79 35.38 -7.80
C VAL F 51 -4.97 35.93 -7.02
N ALA F 52 -6.13 35.91 -7.64
CA ALA F 52 -7.29 36.52 -7.00
C ALA F 52 -7.65 35.74 -5.75
N GLY F 53 -8.10 36.43 -4.71
CA GLY F 53 -8.53 35.76 -3.48
C GLY F 53 -7.38 35.45 -2.56
N SER F 54 -6.20 35.93 -2.91
CA SER F 54 -5.06 35.74 -2.00
C SER F 54 -5.09 36.86 -0.98
N THR F 55 -6.10 36.86 -0.11
CA THR F 55 -6.30 37.96 0.85
C THR F 55 -6.01 37.46 2.26
N TYR F 56 -5.14 38.16 2.97
CA TYR F 56 -4.75 37.79 4.34
C TYR F 56 -4.98 38.99 5.26
N TYR F 57 -5.71 38.83 6.36
CA TYR F 57 -6.13 39.91 7.24
C TYR F 57 -5.67 39.66 8.67
N ALA F 58 -5.22 40.71 9.34
CA ALA F 58 -5.09 40.73 10.78
C ALA F 58 -6.48 40.86 11.41
N ASP F 59 -6.64 40.30 12.62
CA ASP F 59 -7.99 40.17 13.11
C ASP F 59 -8.58 41.53 13.48
N SER F 60 -7.75 42.49 13.89
CA SER F 60 -8.23 43.80 14.30
C SER F 60 -9.04 44.49 13.20
N VAL F 61 -8.73 44.22 11.94
CA VAL F 61 -9.39 44.90 10.84
C VAL F 61 -10.37 44.01 10.09
N LYS F 62 -10.31 42.67 10.28
CA LYS F 62 -11.16 41.74 9.54
C LYS F 62 -12.62 42.17 9.58
N GLY F 63 -13.31 42.03 8.46
CA GLY F 63 -14.69 42.45 8.40
C GLY F 63 -14.90 43.95 8.41
N ARG F 64 -13.83 44.74 8.45
CA ARG F 64 -13.90 46.18 8.26
C ARG F 64 -13.05 46.63 7.08
N PHE F 65 -11.77 46.25 7.07
CA PHE F 65 -10.86 46.58 5.99
C PHE F 65 -10.96 45.51 4.91
N THR F 66 -10.76 45.94 3.69
CA THR F 66 -10.77 45.05 2.53
C THR F 66 -9.67 45.46 1.56
N ILE F 67 -8.68 44.59 1.42
CA ILE F 67 -7.55 44.81 0.53
C ILE F 67 -7.91 44.28 -0.85
N SER F 68 -7.42 44.96 -1.89
CA SER F 68 -7.66 44.52 -3.26
C SER F 68 -6.45 44.87 -4.09
N ARG F 69 -6.29 44.19 -5.23
CA ARG F 69 -5.08 44.39 -6.06
C ARG F 69 -5.43 44.35 -7.54
N ASP F 70 -5.09 45.42 -8.25
CA ASP F 70 -5.23 45.47 -9.71
C ASP F 70 -3.83 45.21 -10.27
N ASN F 71 -3.65 43.99 -10.79
CA ASN F 71 -2.37 43.60 -11.37
C ASN F 71 -2.11 44.39 -12.64
N ALA F 72 -3.18 44.74 -13.37
CA ALA F 72 -3.05 45.47 -14.61
C ALA F 72 -2.33 46.80 -14.37
N LYS F 73 -2.63 47.45 -13.26
CA LYS F 73 -2.15 48.79 -12.94
C LYS F 73 -1.11 48.80 -11.85
N ASN F 74 -0.50 47.66 -11.51
CA ASN F 74 0.41 47.53 -10.37
C ASN F 74 -0.04 48.29 -9.13
N THR F 75 -1.34 48.27 -8.78
CA THR F 75 -1.79 49.06 -7.64
C THR F 75 -2.56 48.23 -6.62
N LEU F 76 -2.29 48.51 -5.35
CA LEU F 76 -2.97 47.93 -4.20
C LEU F 76 -3.89 48.95 -3.54
N TYR F 77 -5.00 48.48 -3.01
CA TYR F 77 -5.98 49.33 -2.38
C TYR F 77 -6.37 48.76 -1.03
N LEU F 78 -6.58 49.64 -0.06
CA LEU F 78 -7.20 49.29 1.21
C LEU F 78 -8.48 50.08 1.38
N GLN F 79 -9.60 49.40 1.51
CA GLN F 79 -10.89 50.04 1.81
C GLN F 79 -11.12 49.90 3.32
N MET F 80 -11.06 51.00 4.03
CA MET F 80 -11.24 51.01 5.48
C MET F 80 -12.66 51.46 5.79
N ASN F 81 -13.50 50.50 6.15
CA ASN F 81 -14.84 50.84 6.59
C ASN F 81 -14.88 50.78 8.12
N SER F 82 -15.80 51.54 8.72
CA SER F 82 -16.03 51.49 10.18
C SER F 82 -14.76 51.81 10.97
N LEU F 83 -14.26 52.99 10.69
CA LEU F 83 -12.98 53.39 11.32
C LEU F 83 -13.21 53.70 12.78
N LYS F 84 -12.18 53.48 13.57
CA LYS F 84 -12.25 53.67 15.03
C LYS F 84 -10.95 54.36 15.44
N SER F 85 -10.89 54.88 16.64
CA SER F 85 -9.73 55.68 17.09
C SER F 85 -8.49 54.81 16.99
N GLU F 86 -8.60 53.52 17.22
CA GLU F 86 -7.45 52.60 17.21
C GLU F 86 -6.78 52.59 15.84
N ASP F 87 -7.55 52.64 14.78
CA ASP F 87 -7.01 52.64 13.39
C ASP F 87 -6.02 53.79 13.17
N THR F 88 -6.23 54.97 13.76
CA THR F 88 -5.27 56.12 13.70
C THR F 88 -3.82 55.66 13.75
N ALA F 89 -3.07 55.86 12.66
CA ALA F 89 -1.65 55.52 12.57
C ALA F 89 -1.18 55.93 11.19
N VAL F 90 0.13 55.81 10.96
CA VAL F 90 0.68 55.91 9.61
C VAL F 90 0.59 54.55 8.94
N TYR F 91 0.02 54.51 7.75
CA TYR F 91 -0.12 53.29 6.97
C TYR F 91 1.00 53.20 5.95
N TYR F 92 1.75 52.10 6.00
CA TYR F 92 2.85 51.80 5.09
C TYR F 92 2.48 50.72 4.08
N CYS F 93 2.70 51.00 2.81
CA CYS F 93 2.66 50.02 1.76
C CYS F 93 3.98 49.26 1.74
N ALA F 94 3.92 47.96 1.38
CA ALA F 94 5.11 47.08 1.34
C ALA F 94 5.03 46.07 0.20
N ALA F 95 6.17 45.51 -0.22
CA ALA F 95 6.19 44.54 -1.33
C ALA F 95 7.31 43.52 -1.18
N SER F 96 7.13 42.33 -1.73
CA SER F 96 8.23 41.35 -1.75
C SER F 96 8.42 40.84 -3.17
N SER F 97 9.66 40.55 -3.53
CA SER F 97 9.98 40.04 -4.88
C SER F 97 9.30 38.69 -5.06
N GLN F 98 9.28 37.88 -4.01
CA GLN F 98 8.76 36.51 -4.14
C GLN F 98 7.43 36.31 -3.44
N ILE F 99 6.57 35.49 -4.03
CA ILE F 99 5.33 35.06 -3.34
C ILE F 99 5.73 33.91 -2.43
N PHE F 100 5.24 33.88 -1.21
CA PHE F 100 5.68 32.86 -0.24
C PHE F 100 4.48 32.02 0.19
N TYR F 101 4.60 31.30 1.30
CA TYR F 101 3.50 30.40 1.69
C TYR F 101 2.79 30.98 2.90
N GLY F 102 1.47 31.07 2.80
CA GLY F 102 0.70 31.49 3.97
C GLY F 102 0.73 32.97 4.24
N ALA F 103 0.36 33.33 5.45
CA ALA F 103 0.28 34.76 5.77
C ALA F 103 1.64 35.35 5.96
N THR F 104 2.01 36.35 5.16
CA THR F 104 3.31 37.03 5.39
C THR F 104 3.12 38.20 6.34
N THR F 105 2.92 37.95 7.64
CA THR F 105 2.77 39.00 8.69
C THR F 105 4.02 39.87 8.96
N SER F 106 5.23 39.31 8.96
CA SER F 106 6.46 40.06 9.39
C SER F 106 6.97 41.15 8.47
N ILE F 107 7.62 42.16 9.05
CA ILE F 107 8.31 43.23 8.28
C ILE F 107 9.44 42.63 7.50
N LYS F 108 10.15 41.65 8.05
CA LYS F 108 11.39 41.10 7.46
C LYS F 108 11.07 40.49 6.10
N ASP F 109 9.91 39.90 5.95
CA ASP F 109 9.50 39.25 4.69
C ASP F 109 9.44 40.26 3.55
N PHE F 110 8.95 41.48 3.78
CA PHE F 110 8.77 42.48 2.71
C PHE F 110 10.07 43.19 2.34
N ASN F 111 10.47 43.15 1.07
CA ASN F 111 11.69 43.80 0.53
C ASN F 111 11.61 45.33 0.41
N SER F 112 10.47 45.87 -0.02
CA SER F 112 10.35 47.32 -0.33
C SER F 112 9.29 48.01 0.54
N TRP F 113 9.39 49.34 0.74
CA TRP F 113 8.52 50.03 1.70
C TRP F 113 8.27 51.48 1.29
N GLY F 114 7.01 51.92 1.33
CA GLY F 114 6.66 53.32 1.12
C GLY F 114 6.92 54.21 2.31
N LYS F 115 7.02 55.53 2.12
CA LYS F 115 7.19 56.51 3.22
C LYS F 115 5.95 56.50 4.11
N GLY F 116 4.77 56.33 3.55
CA GLY F 116 3.53 56.18 4.32
C GLY F 116 2.56 57.34 4.30
N THR F 117 1.28 57.03 4.51
CA THR F 117 0.22 58.06 4.56
C THR F 117 -0.48 58.02 5.91
N ARG F 118 -0.60 59.16 6.57
CA ARG F 118 -1.28 59.23 7.89
C ARG F 118 -2.77 59.05 7.78
N VAL F 119 -3.36 58.28 8.71
CA VAL F 119 -4.85 58.20 8.83
C VAL F 119 -5.12 58.62 10.27
N THR F 120 -6.01 59.59 10.48
CA THR F 120 -6.37 60.08 11.82
C THR F 120 -7.88 60.00 12.00
N VAL F 121 -8.33 59.30 13.03
CA VAL F 121 -9.78 59.11 13.22
C VAL F 121 -10.20 59.92 14.44
N SER F 122 -11.30 60.66 14.30
CA SER F 122 -11.73 61.59 15.37
C SER F 122 -12.98 61.08 16.05
N SER F 123 -12.93 61.04 17.37
CA SER F 123 -14.14 60.66 18.13
C SER F 123 -14.50 61.87 18.98
N HIS F 124 -15.77 62.23 19.06
CA HIS F 124 -16.19 63.33 19.97
C HIS F 124 -16.68 62.73 21.30
CO CNC G . -12.83 -21.27 -9.06
N21 CNC G . -13.07 -19.57 -8.75
N22 CNC G . -12.38 -20.83 -10.77
N23 CNC G . -13.50 -22.97 -9.32
N24 CNC G . -12.62 -21.39 -7.36
C1 CNC G . -13.25 -19.03 -7.36
C20 CNC G . -14.79 -18.76 -7.11
C2 CNC G . -12.54 -17.82 -7.32
C25 CNC G . -12.30 -16.95 -6.09
C26 CNC G . -10.95 -18.42 -7.20
C27 CNC G . -9.75 -17.60 -7.06
O28 CNC G . -9.05 -17.36 -8.00
N29 CNC G . -9.17 -17.12 -5.92
C3 CNC G . -12.17 -17.47 -8.85
C30 CNC G . -13.02 -16.14 -8.99
C31 CNC G . -12.37 -14.87 -8.81
C32 CNC G . -13.54 -13.87 -8.92
O34 CNC G . -14.62 -14.15 -8.67
N33 CNC G . -13.11 -12.60 -9.40
C4 CNC G . -12.78 -18.45 -9.48
C5 CNC G . -11.59 -18.46 -10.59
C35 CNC G . -11.30 -17.35 -11.37
C6 CNC G . -12.22 -19.57 -11.36
C7 CNC G . -11.95 -19.78 -13.00
C36 CNC G . -12.40 -18.74 -13.92
C37 CNC G . -10.47 -19.96 -13.45
C38 CNC G . -10.37 -20.02 -14.90
O39 CNC G . -10.95 -20.85 -15.47
N40 CNC G . -9.66 -19.08 -15.54
C8 CNC G . -12.68 -21.05 -13.18
C41 CNC G . -14.08 -20.83 -13.47
C42 CNC G . -14.18 -21.10 -15.16
C43 CNC G . -15.74 -21.37 -15.58
O44 CNC G . -16.73 -20.53 -15.48
N45 CNC G . -16.08 -22.65 -16.15
C9 CNC G . -12.26 -21.64 -11.78
C10 CNC G . -13.03 -23.06 -12.00
C11 CNC G . -13.60 -23.58 -10.61
C12 CNC G . -13.24 -25.16 -10.24
C46 CNC G . -13.37 -26.12 -11.54
C47 CNC G . -11.77 -25.33 -10.06
C13 CNC G . -14.12 -25.49 -8.89
C48 CNC G . -14.21 -25.48 -8.91
C49 CNC G . -14.88 -26.66 -9.23
C50 CNC G . -15.84 -27.46 -7.71
O51 CNC G . -15.88 -26.91 -6.63
N52 CNC G . -16.67 -28.86 -7.85
C14 CNC G . -13.77 -23.98 -8.39
C15 CNC G . -13.05 -24.02 -6.99
C53 CNC G . -13.55 -25.04 -5.84
C16 CNC G . -12.71 -22.59 -6.43
C17 CNC G . -13.08 -22.12 -5.00
C54 CNC G . -11.99 -22.67 -4.06
C55 CNC G . -14.18 -22.59 -4.17
C56 CNC G . -15.43 -22.57 -5.00
C57 CNC G . -16.66 -22.96 -3.87
O58 CNC G . -16.91 -24.14 -3.64
N59 CNC G . -17.46 -22.03 -3.25
C18 CNC G . -13.23 -20.51 -5.14
C60 CNC G . -12.68 -19.77 -4.03
C61 CNC G . -13.55 -18.84 -3.33
O63 CNC G . -14.79 -18.92 -3.25
N62 CNC G . -12.93 -17.84 -2.71
C19 CNC G . -12.60 -20.37 -6.53
C1P CNC G . -18.46 -22.49 -2.30
C2P CNC G . -19.82 -22.77 -2.98
C3P CNC G . -20.74 -23.05 -1.83
O3 CNC G . -20.29 -21.66 -3.70
O4 CNC G . -20.82 -20.67 -5.93
O5 CNC G . -22.10 -22.69 -5.25
P CNC G . -20.75 -21.95 -5.19
O2 CNC G . -19.50 -22.89 -5.83
C3R CNC G . -19.53 -23.17 -7.26
C2R CNC G . -18.86 -21.92 -8.03
O7R CNC G . -17.76 -21.54 -7.18
C1R CNC G . -18.39 -22.37 -9.17
O6R CNC G . -18.11 -23.85 -8.89
C4R CNC G . -18.82 -24.22 -7.59
C5R CNC G . -19.75 -25.37 -7.85
O8R CNC G . -18.99 -26.41 -7.38
N1B CNC G . -17.15 -21.81 -9.36
C8B CNC G . -17.14 -20.63 -10.04
C2B CNC G . -15.93 -22.08 -9.05
N3B CNC G . -15.08 -21.13 -9.53
C9B CNC G . -15.83 -20.24 -10.13
C4B CNC G . -15.48 -18.99 -10.78
C5B CNC G . -16.46 -18.21 -11.29
C5M CNC G . -15.88 -16.89 -11.95
C6B CNC G . -17.80 -18.58 -11.23
C6M CNC G . -19.05 -17.82 -11.80
C7B CNC G . -18.13 -19.84 -10.59
N1A CNC G . -9.66 -22.07 -8.93
C1A CNC G . -10.78 -21.77 -8.97
CA CA H . -26.44 -38.04 16.63
CA CA I . -44.75 -25.81 11.46
CO CNC J . 17.40 26.94 1.32
N21 CNC J . 17.53 26.35 -0.31
N22 CNC J . 18.17 28.54 0.95
N23 CNC J . 18.07 26.69 2.99
N24 CNC J . 16.04 25.99 1.44
C1 CNC J . 16.66 25.25 -0.79
C20 CNC J . 17.56 23.95 -0.79
C2 CNC J . 16.29 25.54 -2.12
C25 CNC J . 15.26 24.83 -3.02
C26 CNC J . 15.05 26.65 -1.74
C27 CNC J . 14.21 27.29 -2.75
O28 CNC J . 14.50 28.31 -3.31
N29 CNC J . 12.98 26.81 -3.10
C3 CNC J . 17.32 26.73 -2.57
C30 CNC J . 18.24 26.13 -3.73
C31 CNC J . 17.70 26.29 -5.08
C32 CNC J . 18.76 25.85 -6.10
O34 CNC J . 19.71 25.32 -5.78
N33 CNC J . 18.51 26.17 -7.49
C4 CNC J . 18.04 26.91 -1.46
C5 CNC J . 17.90 28.53 -1.61
C35 CNC J . 18.17 29.31 -2.69
C6 CNC J . 18.39 29.10 -0.29
C7 CNC J . 19.59 30.25 -0.14
C36 CNC J . 20.66 30.29 -1.15
C37 CNC J . 18.90 31.62 -0.14
C38 CNC J . 19.80 32.74 -0.18
O39 CNC J . 20.62 32.86 0.62
N40 CNC J . 19.65 33.60 -1.15
C8 CNC J . 20.17 29.94 1.16
C41 CNC J . 21.37 29.09 1.10
C42 CNC J . 22.76 30.10 1.08
C43 CNC J . 24.15 29.34 1.52
O44 CNC J . 24.88 28.57 0.74
N45 CNC J . 24.66 29.60 2.88
C9 CNC J . 18.78 29.39 1.71
C10 CNC J . 19.27 29.06 3.21
C11 CNC J . 18.97 27.56 3.62
C12 CNC J . 18.43 27.57 5.21
C46 CNC J . 19.26 28.47 6.25
C47 CNC J . 17.11 28.25 5.29
C13 CNC J . 18.22 25.98 5.55
C48 CNC J . 18.30 25.95 5.55
C49 CNC J . 18.99 25.77 6.75
C50 CNC J . 18.61 24.08 7.68
O51 CNC J . 18.21 23.07 7.11
N52 CNC J . 18.85 24.05 9.31
C14 CNC J . 17.61 25.86 4.03
C15 CNC J . 16.03 25.63 4.12
C53 CNC J . 15.27 24.92 5.37
C16 CNC J . 15.41 25.40 2.69
C17 CNC J . 14.76 24.04 2.30
C54 CNC J . 13.26 24.12 2.67
C55 CNC J . 15.12 22.76 2.94
C56 CNC J . 16.59 22.35 2.90
C57 CNC J . 16.70 20.74 3.51
O58 CNC J . 16.77 20.56 4.74
N59 CNC J . 16.73 19.63 2.67
C18 CNC J . 15.05 23.90 0.73
C60 CNC J . 13.94 23.38 0.00
C61 CNC J . 14.13 22.26 -0.90
O63 CNC J . 14.97 21.41 -0.82
N62 CNC J . 13.29 22.10 -1.92
C19 CNC J . 15.50 25.33 0.46
C1P CNC J . 16.80 18.27 3.22
C2P CNC J . 18.21 17.76 3.61
C3P CNC J . 18.10 16.36 4.11
O3 CNC J . 19.13 17.59 2.57
O4 CNC J . 21.05 18.68 1.38
O5 CNC J . 21.48 17.60 3.64
P CNC J . 20.48 18.45 2.74
O2 CNC J . 19.97 19.95 3.44
C3R CNC J . 20.95 20.95 3.82
C2R CNC J . 21.14 21.92 2.52
O7R CNC J . 19.81 21.85 1.90
C1R CNC J . 21.56 23.14 2.92
O6R CNC J . 21.09 23.18 4.39
C4R CNC J . 20.57 21.75 4.79
C5R CNC J . 21.22 21.36 6.12
O8R CNC J . 20.31 21.59 7.16
N1B CNC J . 20.88 24.11 2.17
C8B CNC J . 21.43 24.47 0.96
C2B CNC J . 19.75 24.79 2.26
N3B CNC J . 19.53 25.61 1.19
C9B CNC J . 20.57 25.37 0.40
C4B CNC J . 20.88 25.92 -0.94
C5B CNC J . 22.00 25.58 -1.59
C5M CNC J . 22.15 26.28 -3.05
C6B CNC J . 22.88 24.67 -1.03
C6M CNC J . 24.21 24.20 -1.75
C7B CNC J . 22.60 24.10 0.28
N1A CNC J . 14.90 29.06 1.75
C1A CNC J . 15.78 28.30 1.61
CA CA K . 23.87 -10.66 6.55
CA CA L . 7.57 0.31 19.49
#